data_3TLC
#
_entry.id   3TLC
#
_cell.length_a   54.317
_cell.length_b   85.738
_cell.length_c   72.962
_cell.angle_alpha   90.000
_cell.angle_beta   101.340
_cell.angle_gamma   90.000
#
_symmetry.space_group_name_H-M   'P 1 21 1'
#
loop_
_entity.id
_entity.type
_entity.pdbx_description
1 polymer MccF
2 non-polymer "5'-O-[(R)-(3-aminopropoxy)(L-alpha-aspartylamino)phosphoryl]adenosine"
3 non-polymer 1,2-ETHANEDIOL
4 water water
#
_entity_poly.entity_id   1
_entity_poly.type   'polypeptide(L)'
_entity_poly.pdbx_seq_one_letter_code
;MGHHHHHHHHHHHHSSGHIDDDDKHMLEMIQSHPLLAAPLAVGDTIGFFSSSAPATVTAKNRFFRGVEFLQRKGFKLVSG
KLTGKTDFYRSGTIKERAQEFNELVYNPDITCIMSTIGGDNSNSLLPFLDYDAIIANPKIIIGYADTTALLAGIYAKTGL
ITFYGPALIPSFGEHPPLVDITYESFIKILTRKQSGIYTYTLPEKWSDESINWNENKILRPKKLYKNNCAFYGSGKVEGR
VIGGNLNTLTGIWGSEWMPEIRNGDILFIEDSRKSIATVERLFSMLKLNRVFDKVSAIILGKHELFDCAGSKRRPYEVLT
EVLDGKQIPVLDGFDCSHTHPMLTLPLGVKLAIDFDNKNISITEQYLSTEK
;
_entity_poly.pdbx_strand_id   A,B
#
# COMPACT_ATOMS: atom_id res chain seq x y z
N PRO A 34 -22.42 -1.67 20.59
CA PRO A 34 -21.72 -2.61 19.72
C PRO A 34 -22.11 -4.06 19.99
N LEU A 35 -21.86 -4.93 19.01
CA LEU A 35 -22.11 -6.36 19.16
C LEU A 35 -20.94 -6.99 19.91
N LEU A 36 -21.25 -7.73 20.97
CA LEU A 36 -20.23 -8.31 21.84
C LEU A 36 -20.25 -9.83 21.81
N ALA A 37 -19.05 -10.41 21.76
CA ALA A 37 -18.88 -11.86 21.84
C ALA A 37 -18.91 -12.31 23.30
N ALA A 38 -19.20 -13.59 23.50
CA ALA A 38 -19.07 -14.22 24.81
C ALA A 38 -17.61 -14.22 25.25
N PRO A 39 -17.36 -14.02 26.56
CA PRO A 39 -15.97 -14.00 27.04
C PRO A 39 -15.30 -15.36 26.94
N LEU A 40 -13.97 -15.36 26.92
CA LEU A 40 -13.19 -16.59 26.93
C LEU A 40 -13.12 -17.14 28.34
N ALA A 41 -12.92 -18.45 28.44
CA ALA A 41 -12.71 -19.12 29.72
C ALA A 41 -11.70 -20.24 29.53
N VAL A 42 -10.96 -20.55 30.60
CA VAL A 42 -10.06 -21.70 30.59
C VAL A 42 -10.83 -22.95 30.18
N GLY A 43 -10.28 -23.71 29.25
CA GLY A 43 -10.90 -24.95 28.76
C GLY A 43 -11.71 -24.78 27.49
N ASP A 44 -11.87 -23.54 27.05
CA ASP A 44 -12.61 -23.24 25.83
C ASP A 44 -11.95 -23.78 24.57
N THR A 45 -12.71 -23.81 23.49
CA THR A 45 -12.22 -24.25 22.19
C THR A 45 -11.85 -23.05 21.32
N ILE A 46 -10.63 -23.05 20.82
CA ILE A 46 -10.13 -22.03 19.90
C ILE A 46 -9.98 -22.67 18.52
N GLY A 47 -10.59 -22.05 17.52
CA GLY A 47 -10.40 -22.46 16.14
C GLY A 47 -9.40 -21.55 15.46
N PHE A 48 -8.53 -22.11 14.64
CA PHE A 48 -7.56 -21.28 13.91
C PHE A 48 -7.67 -21.39 12.39
N PHE A 49 -7.37 -20.30 11.71
CA PHE A 49 -7.50 -20.20 10.26
C PHE A 49 -6.28 -19.51 9.65
N SER A 50 -6.02 -19.82 8.39
CA SER A 50 -4.92 -19.20 7.64
C SER A 50 -5.49 -18.41 6.47
N SER A 51 -5.73 -17.11 6.69
CA SER A 51 -6.35 -16.28 5.66
C SER A 51 -5.34 -15.72 4.64
N SER A 52 -4.05 -15.98 4.85
CA SER A 52 -3.02 -15.52 3.92
C SER A 52 -1.86 -16.51 3.82
N ALA A 53 -0.72 -16.20 4.42
CA ALA A 53 0.47 -17.05 4.31
C ALA A 53 0.26 -18.44 4.92
N PRO A 54 0.74 -19.50 4.21
CA PRO A 54 0.53 -20.87 4.67
C PRO A 54 1.56 -21.31 5.71
N ALA A 55 1.64 -20.58 6.82
CA ALA A 55 2.70 -20.81 7.80
C ALA A 55 2.58 -22.08 8.65
N THR A 56 1.41 -22.73 8.64
CA THR A 56 1.30 -24.04 9.28
C THR A 56 2.20 -25.06 8.59
N VAL A 57 2.56 -24.76 7.35
CA VAL A 57 3.53 -25.56 6.59
C VAL A 57 4.92 -24.93 6.63
N THR A 58 5.01 -23.64 6.29
CA THR A 58 6.31 -22.98 6.13
C THR A 58 6.99 -22.59 7.43
N ALA A 59 6.24 -22.56 8.53
CA ALA A 59 6.79 -22.36 9.87
C ALA A 59 6.21 -23.42 10.80
N LYS A 60 6.32 -24.67 10.38
CA LYS A 60 5.65 -25.79 11.04
C LYS A 60 6.16 -26.04 12.47
N ASN A 61 7.45 -25.85 12.69
CA ASN A 61 8.01 -26.03 14.04
C ASN A 61 7.45 -25.01 15.02
N ARG A 62 7.42 -23.75 14.62
CA ARG A 62 6.85 -22.69 15.44
C ARG A 62 5.35 -22.90 15.66
N PHE A 63 4.67 -23.35 14.60
CA PHE A 63 3.25 -23.70 14.66
C PHE A 63 2.99 -24.77 15.72
N PHE A 64 3.77 -25.85 15.68
CA PHE A 64 3.65 -26.93 16.66
C PHE A 64 3.92 -26.46 18.09
N ARG A 65 4.90 -25.58 18.27
CA ARG A 65 5.20 -25.01 19.57
C ARG A 65 4.02 -24.15 20.09
N GLY A 66 3.43 -23.36 19.20
CA GLY A 66 2.25 -22.55 19.54
C GLY A 66 1.05 -23.39 19.93
N VAL A 67 0.79 -24.44 19.16
CA VAL A 67 -0.27 -25.40 19.45
C VAL A 67 -0.08 -26.01 20.83
N GLU A 68 1.11 -26.52 21.09
CA GLU A 68 1.44 -27.14 22.38
C GLU A 68 1.29 -26.15 23.54
N PHE A 69 1.71 -24.90 23.31
CA PHE A 69 1.61 -23.86 24.33
C PHE A 69 0.16 -23.65 24.79
N LEU A 70 -0.75 -23.48 23.84
CA LEU A 70 -2.16 -23.26 24.17
C LEU A 70 -2.85 -24.50 24.72
N GLN A 71 -2.45 -25.68 24.23
CA GLN A 71 -2.99 -26.94 24.74
C GLN A 71 -2.61 -27.18 26.19
N ARG A 72 -1.37 -26.84 26.55
CA ARG A 72 -0.91 -26.97 27.93
C ARG A 72 -1.59 -25.97 28.87
N LYS A 73 -2.13 -24.89 28.30
CA LYS A 73 -2.94 -23.94 29.06
C LYS A 73 -4.37 -24.43 29.26
N GLY A 74 -4.72 -25.53 28.60
CA GLY A 74 -6.02 -26.17 28.77
C GLY A 74 -7.01 -25.95 27.65
N PHE A 75 -6.60 -25.22 26.62
CA PHE A 75 -7.47 -24.96 25.48
C PHE A 75 -7.56 -26.15 24.54
N LYS A 76 -8.76 -26.36 24.01
CA LYS A 76 -8.97 -27.33 22.94
C LYS A 76 -8.85 -26.57 21.63
N LEU A 77 -8.21 -27.19 20.64
CA LEU A 77 -7.97 -26.52 19.36
C LEU A 77 -8.66 -27.22 18.21
N VAL A 78 -9.30 -26.42 17.35
CA VAL A 78 -9.87 -26.91 16.09
C VAL A 78 -9.06 -26.30 14.95
N SER A 79 -8.48 -27.16 14.14
CA SER A 79 -7.68 -26.71 12.99
C SER A 79 -8.57 -26.39 11.81
N GLY A 80 -8.40 -25.20 11.25
CA GLY A 80 -9.10 -24.79 10.03
C GLY A 80 -8.75 -25.74 8.89
N LYS A 81 -9.65 -25.84 7.91
CA LYS A 81 -9.51 -26.84 6.85
C LYS A 81 -8.31 -26.63 5.91
N LEU A 82 -7.66 -25.47 5.97
CA LEU A 82 -6.48 -25.21 5.15
C LEU A 82 -5.16 -25.43 5.87
N THR A 83 -5.23 -25.88 7.12
CA THR A 83 -4.04 -26.26 7.88
C THR A 83 -3.30 -27.37 7.14
N GLY A 84 -2.00 -27.19 6.95
CA GLY A 84 -1.18 -28.19 6.27
C GLY A 84 -1.20 -28.09 4.76
N LYS A 85 -1.88 -27.09 4.22
CA LYS A 85 -2.00 -26.90 2.77
C LYS A 85 -1.18 -25.71 2.29
N THR A 86 -0.71 -25.76 1.04
CA THR A 86 -0.05 -24.63 0.42
C THR A 86 -0.54 -24.39 -1.00
N ASP A 87 -0.74 -23.10 -1.33
CA ASP A 87 -0.91 -22.65 -2.70
C ASP A 87 0.16 -21.59 -2.95
N PHE A 88 1.41 -22.04 -2.91
CA PHE A 88 2.59 -21.17 -3.05
C PHE A 88 2.64 -20.09 -1.97
N TYR A 89 2.20 -18.88 -2.29
CA TYR A 89 2.30 -17.73 -1.39
C TYR A 89 1.14 -17.61 -0.39
N ARG A 90 0.14 -18.46 -0.55
CA ARG A 90 -1.07 -18.41 0.25
C ARG A 90 -1.52 -19.83 0.62
N SER A 91 -2.50 -19.92 1.52
CA SER A 91 -3.01 -21.21 2.00
C SER A 91 -3.98 -21.88 1.03
N GLY A 92 -4.58 -21.09 0.15
CA GLY A 92 -5.56 -21.59 -0.81
C GLY A 92 -6.15 -20.45 -1.61
N THR A 93 -7.12 -20.77 -2.47
CA THR A 93 -7.80 -19.76 -3.27
C THR A 93 -8.55 -18.78 -2.36
N ILE A 94 -8.96 -17.65 -2.92
CA ILE A 94 -9.76 -16.67 -2.19
C ILE A 94 -10.98 -17.34 -1.55
N LYS A 95 -11.73 -18.09 -2.35
CA LYS A 95 -12.95 -18.73 -1.86
C LYS A 95 -12.69 -19.83 -0.83
N GLU A 96 -11.61 -20.59 -1.01
CA GLU A 96 -11.23 -21.61 -0.03
C GLU A 96 -10.92 -20.99 1.34
N ARG A 97 -10.22 -19.86 1.32
CA ARG A 97 -9.87 -19.17 2.56
C ARG A 97 -11.09 -18.58 3.25
N ALA A 98 -12.02 -18.03 2.48
CA ALA A 98 -13.29 -17.54 3.02
C ALA A 98 -14.08 -18.70 3.62
N GLN A 99 -14.12 -19.82 2.92
CA GLN A 99 -14.77 -21.04 3.41
C GLN A 99 -14.18 -21.51 4.73
N GLU A 100 -12.85 -21.51 4.83
CA GLU A 100 -12.17 -21.95 6.06
C GLU A 100 -12.63 -21.12 7.26
N PHE A 101 -12.67 -19.80 7.09
CA PHE A 101 -13.10 -18.90 8.13
C PHE A 101 -14.58 -19.11 8.48
N ASN A 102 -15.43 -19.15 7.46
CA ASN A 102 -16.86 -19.34 7.65
C ASN A 102 -17.20 -20.61 8.41
N GLU A 103 -16.49 -21.70 8.11
CA GLU A 103 -16.70 -22.99 8.78
C GLU A 103 -16.45 -22.92 10.29
N LEU A 104 -15.49 -22.09 10.70
CA LEU A 104 -15.23 -21.87 12.12
C LEU A 104 -16.37 -21.08 12.78
N VAL A 105 -16.91 -20.11 12.06
CA VAL A 105 -18.07 -19.33 12.52
C VAL A 105 -19.29 -20.24 12.72
N TYR A 106 -19.43 -21.25 11.88
CA TYR A 106 -20.56 -22.18 11.94
C TYR A 106 -20.48 -23.18 13.09
N ASN A 107 -19.28 -23.32 13.66
CA ASN A 107 -19.04 -24.29 14.73
C ASN A 107 -19.46 -23.74 16.10
N PRO A 108 -20.54 -24.30 16.68
CA PRO A 108 -21.06 -23.78 17.96
C PRO A 108 -20.15 -24.02 19.16
N ASP A 109 -19.19 -24.94 19.02
CA ASP A 109 -18.26 -25.25 20.10
C ASP A 109 -17.13 -24.22 20.23
N ILE A 110 -16.91 -23.44 19.17
CA ILE A 110 -15.81 -22.49 19.13
C ILE A 110 -16.17 -21.17 19.80
N THR A 111 -15.35 -20.74 20.76
CA THR A 111 -15.53 -19.44 21.42
C THR A 111 -14.62 -18.37 20.82
N CYS A 112 -13.47 -18.80 20.32
CA CYS A 112 -12.47 -17.89 19.79
C CYS A 112 -11.95 -18.36 18.44
N ILE A 113 -11.97 -17.46 17.46
CA ILE A 113 -11.42 -17.70 16.13
C ILE A 113 -10.12 -16.90 16.01
N MET A 114 -9.01 -17.62 15.87
CA MET A 114 -7.68 -17.04 15.94
C MET A 114 -6.90 -17.24 14.64
N SER A 115 -6.31 -16.15 14.15
CA SER A 115 -5.44 -16.22 12.98
C SER A 115 -4.18 -17.04 13.27
N THR A 116 -3.72 -17.82 12.31
CA THR A 116 -2.43 -18.50 12.46
C THR A 116 -1.27 -17.52 12.24
N ILE A 117 -1.42 -16.67 11.22
CA ILE A 117 -0.41 -15.70 10.82
C ILE A 117 -1.03 -14.77 9.77
N GLY A 118 -0.36 -13.65 9.51
CA GLY A 118 -0.80 -12.72 8.47
C GLY A 118 -0.23 -13.04 7.10
N GLY A 119 0.27 -12.01 6.44
CA GLY A 119 0.75 -12.12 5.07
C GLY A 119 0.38 -10.87 4.29
N ASP A 120 -0.51 -11.04 3.31
CA ASP A 120 -0.86 -9.96 2.37
C ASP A 120 -2.30 -10.00 1.90
N ASN A 121 -2.98 -11.14 2.07
CA ASN A 121 -4.14 -11.43 1.24
C ASN A 121 -5.49 -11.64 1.91
N SER A 122 -5.60 -11.27 3.19
CA SER A 122 -6.87 -11.39 3.91
C SER A 122 -7.99 -10.54 3.28
N ASN A 123 -7.63 -9.38 2.72
CA ASN A 123 -8.65 -8.49 2.14
C ASN A 123 -9.46 -9.13 1.02
N SER A 124 -8.88 -10.11 0.32
CA SER A 124 -9.57 -10.85 -0.73
C SER A 124 -10.84 -11.54 -0.24
N LEU A 125 -10.83 -11.96 1.02
CA LEU A 125 -11.91 -12.76 1.59
C LEU A 125 -13.20 -11.99 1.85
N LEU A 126 -13.09 -10.68 1.97
CA LEU A 126 -14.18 -9.86 2.51
C LEU A 126 -15.55 -9.97 1.80
N PRO A 127 -15.58 -10.07 0.46
CA PRO A 127 -16.89 -10.23 -0.19
C PRO A 127 -17.57 -11.57 0.08
N PHE A 128 -16.84 -12.52 0.66
CA PHE A 128 -17.30 -13.91 0.74
C PHE A 128 -17.53 -14.40 2.17
N LEU A 129 -17.28 -13.54 3.17
CA LEU A 129 -17.54 -13.90 4.56
C LEU A 129 -19.02 -13.90 4.86
N ASP A 130 -19.44 -14.82 5.73
CA ASP A 130 -20.85 -14.94 6.11
C ASP A 130 -21.14 -14.00 7.28
N TYR A 131 -21.40 -12.74 6.96
CA TYR A 131 -21.63 -11.71 7.97
C TYR A 131 -22.88 -11.96 8.80
N ASP A 132 -23.92 -12.49 8.16
CA ASP A 132 -25.15 -12.87 8.87
C ASP A 132 -24.88 -13.92 9.94
N ALA A 133 -24.04 -14.90 9.62
CA ALA A 133 -23.66 -15.95 10.57
C ALA A 133 -22.78 -15.40 11.70
N ILE A 134 -21.93 -14.43 11.38
CA ILE A 134 -21.11 -13.73 12.37
C ILE A 134 -22.00 -13.02 13.39
N ILE A 135 -23.02 -12.32 12.89
CA ILE A 135 -23.99 -11.62 13.74
C ILE A 135 -24.79 -12.60 14.61
N ALA A 136 -25.24 -13.70 13.99
CA ALA A 136 -26.03 -14.71 14.68
C ALA A 136 -25.22 -15.50 15.71
N ASN A 137 -23.92 -15.65 15.44
CA ASN A 137 -23.02 -16.42 16.30
C ASN A 137 -21.74 -15.64 16.63
N PRO A 138 -21.87 -14.57 17.44
CA PRO A 138 -20.69 -13.75 17.75
C PRO A 138 -19.61 -14.53 18.49
N LYS A 139 -18.38 -14.40 18.03
CA LYS A 139 -17.23 -15.06 18.64
C LYS A 139 -16.09 -14.06 18.77
N ILE A 140 -15.12 -14.40 19.62
CA ILE A 140 -13.90 -13.60 19.73
C ILE A 140 -13.06 -13.85 18.49
N ILE A 141 -12.89 -12.81 17.67
CA ILE A 141 -12.05 -12.89 16.49
C ILE A 141 -10.76 -12.12 16.77
N ILE A 142 -9.64 -12.81 16.65
CA ILE A 142 -8.36 -12.25 17.09
C ILE A 142 -7.22 -12.55 16.12
N GLY A 143 -6.37 -11.55 15.94
CA GLY A 143 -5.19 -11.65 15.09
C GLY A 143 -4.60 -10.27 14.93
N TYR A 144 -3.64 -10.14 14.03
CA TYR A 144 -3.05 -8.84 13.76
C TYR A 144 -2.44 -8.79 12.36
N ALA A 145 -1.73 -7.71 12.07
CA ALA A 145 -1.00 -7.58 10.81
C ALA A 145 -1.97 -7.63 9.63
N ASP A 146 -1.71 -8.49 8.65
CA ASP A 146 -2.61 -8.60 7.50
C ASP A 146 -4.06 -8.91 7.89
N THR A 147 -4.23 -9.60 9.00
CA THR A 147 -5.57 -9.98 9.46
C THR A 147 -6.43 -8.76 9.84
N THR A 148 -5.78 -7.59 9.97
CA THR A 148 -6.49 -6.31 10.12
C THR A 148 -7.64 -6.16 9.12
N ALA A 149 -7.43 -6.60 7.88
CA ALA A 149 -8.47 -6.52 6.87
C ALA A 149 -9.77 -7.18 7.33
N LEU A 150 -9.63 -8.34 7.98
CA LEU A 150 -10.79 -9.07 8.52
C LEU A 150 -11.34 -8.43 9.78
N LEU A 151 -10.45 -8.03 10.68
CA LEU A 151 -10.88 -7.43 11.95
C LEU A 151 -11.68 -6.14 11.71
N ALA A 152 -11.14 -5.28 10.85
CA ALA A 152 -11.78 -4.01 10.52
C ALA A 152 -13.01 -4.23 9.63
N GLY A 153 -12.89 -5.12 8.65
CA GLY A 153 -13.98 -5.44 7.75
C GLY A 153 -15.19 -6.02 8.44
N ILE A 154 -14.96 -6.94 9.37
CA ILE A 154 -16.04 -7.54 10.15
C ILE A 154 -16.71 -6.49 11.04
N TYR A 155 -15.90 -5.64 11.70
CA TYR A 155 -16.44 -4.54 12.48
C TYR A 155 -17.33 -3.61 11.65
N ALA A 156 -16.83 -3.24 10.47
CA ALA A 156 -17.56 -2.34 9.57
C ALA A 156 -18.92 -2.91 9.15
N LYS A 157 -18.95 -4.22 8.92
CA LYS A 157 -20.16 -4.88 8.44
C LYS A 157 -21.15 -5.29 9.53
N THR A 158 -20.64 -5.56 10.73
CA THR A 158 -21.46 -6.19 11.78
C THR A 158 -21.51 -5.43 13.10
N GLY A 159 -20.53 -4.56 13.33
CA GLY A 159 -20.42 -3.86 14.59
C GLY A 159 -19.82 -4.71 15.70
N LEU A 160 -19.37 -5.91 15.35
CA LEU A 160 -18.73 -6.82 16.31
C LEU A 160 -17.39 -6.29 16.77
N ILE A 161 -17.18 -6.29 18.08
CA ILE A 161 -15.89 -5.90 18.65
C ILE A 161 -14.91 -7.06 18.49
N THR A 162 -13.95 -6.85 17.59
CA THR A 162 -12.89 -7.82 17.33
C THR A 162 -11.61 -7.35 18.02
N PHE A 163 -10.56 -8.18 17.97
CA PHE A 163 -9.39 -7.97 18.80
C PHE A 163 -8.09 -7.94 18.03
N TYR A 164 -7.31 -6.88 18.25
CA TYR A 164 -5.95 -6.81 17.77
C TYR A 164 -5.09 -7.50 18.82
N GLY A 165 -4.57 -8.67 18.47
CA GLY A 165 -3.87 -9.50 19.44
C GLY A 165 -3.23 -10.70 18.80
N PRO A 166 -2.82 -11.67 19.63
CA PRO A 166 -2.06 -12.83 19.22
C PRO A 166 -2.58 -13.61 18.02
N ALA A 167 -1.66 -13.92 17.11
CA ALA A 167 -1.86 -14.95 16.11
C ALA A 167 -1.07 -16.18 16.56
N LEU A 168 -1.62 -17.36 16.30
CA LEU A 168 -1.09 -18.60 16.86
C LEU A 168 0.41 -18.80 16.65
N ILE A 169 0.87 -18.66 15.41
CA ILE A 169 2.25 -18.96 15.07
C ILE A 169 3.26 -17.91 15.56
N PRO A 170 3.13 -16.64 15.12
CA PRO A 170 4.12 -15.67 15.59
C PRO A 170 4.03 -15.36 17.10
N SER A 171 2.82 -15.32 17.64
CA SER A 171 2.64 -14.88 19.02
C SER A 171 2.87 -16.00 20.04
N PHE A 172 2.21 -17.14 19.83
CA PHE A 172 2.29 -18.23 20.81
C PHE A 172 3.38 -19.25 20.51
N GLY A 173 3.98 -19.16 19.33
CA GLY A 173 5.17 -19.96 19.00
C GLY A 173 6.46 -19.28 19.40
N GLU A 174 6.36 -18.07 19.92
CA GLU A 174 7.50 -17.34 20.46
C GLU A 174 8.10 -18.09 21.65
N HIS A 175 9.43 -18.19 21.70
CA HIS A 175 10.10 -18.81 22.83
C HIS A 175 9.94 -18.00 24.11
N PRO A 176 9.96 -18.68 25.28
CA PRO A 176 10.09 -17.95 26.54
C PRO A 176 11.34 -17.07 26.50
N PRO A 177 11.36 -15.96 27.26
CA PRO A 177 10.37 -15.53 28.27
C PRO A 177 9.22 -14.69 27.75
N LEU A 178 9.32 -14.18 26.51
CA LEU A 178 8.39 -13.17 26.04
C LEU A 178 6.96 -13.67 25.79
N VAL A 179 6.83 -14.95 25.40
CA VAL A 179 5.51 -15.55 25.14
C VAL A 179 4.60 -15.52 26.38
N ASP A 180 5.19 -15.65 27.56
CA ASP A 180 4.43 -15.66 28.81
C ASP A 180 3.74 -14.32 29.08
N ILE A 181 4.41 -13.24 28.71
CA ILE A 181 3.86 -11.90 28.89
C ILE A 181 2.73 -11.65 27.88
N THR A 182 2.93 -12.10 26.64
CA THR A 182 1.88 -12.09 25.62
C THR A 182 0.65 -12.85 26.11
N TYR A 183 0.86 -14.07 26.61
CA TYR A 183 -0.24 -14.88 27.12
C TYR A 183 -0.98 -14.22 28.29
N GLU A 184 -0.22 -13.64 29.21
CA GLU A 184 -0.81 -12.98 30.38
C GLU A 184 -1.83 -11.90 29.98
N SER A 185 -1.49 -11.11 28.97
CA SER A 185 -2.40 -10.09 28.46
C SER A 185 -3.61 -10.72 27.77
N PHE A 186 -3.35 -11.68 26.89
CA PHE A 186 -4.39 -12.43 26.18
C PHE A 186 -5.45 -12.96 27.15
N ILE A 187 -4.99 -13.71 28.16
CA ILE A 187 -5.92 -14.34 29.11
C ILE A 187 -6.62 -13.31 30.01
N LYS A 188 -5.89 -12.27 30.43
CA LYS A 188 -6.47 -11.22 31.27
C LYS A 188 -7.58 -10.48 30.54
N ILE A 189 -7.29 -9.98 29.35
CA ILE A 189 -8.23 -9.18 28.57
C ILE A 189 -9.51 -9.96 28.26
N LEU A 190 -9.35 -11.22 27.87
CA LEU A 190 -10.48 -12.02 27.37
C LEU A 190 -11.29 -12.75 28.43
N THR A 191 -10.71 -12.95 29.62
CA THR A 191 -11.43 -13.68 30.69
C THR A 191 -11.90 -12.79 31.86
N ARG A 192 -11.31 -11.61 32.01
CA ARG A 192 -11.62 -10.74 33.15
C ARG A 192 -13.10 -10.36 33.21
N LYS A 193 -13.59 -10.09 34.41
CA LYS A 193 -14.93 -9.58 34.61
C LYS A 193 -15.05 -8.19 33.99
N GLN A 194 -16.17 -7.95 33.31
CA GLN A 194 -16.43 -6.69 32.62
C GLN A 194 -17.06 -5.67 33.57
N SER A 195 -16.28 -5.24 34.56
CA SER A 195 -16.72 -4.24 35.52
C SER A 195 -15.57 -3.29 35.84
N GLY A 196 -15.83 -2.00 35.68
CA GLY A 196 -14.80 -0.98 35.86
C GLY A 196 -13.82 -0.95 34.70
N ILE A 197 -13.00 0.10 34.64
CA ILE A 197 -12.02 0.24 33.57
C ILE A 197 -10.90 -0.78 33.73
N TYR A 198 -10.25 -1.11 32.61
CA TYR A 198 -9.03 -1.91 32.65
C TYR A 198 -7.83 -1.09 32.23
N THR A 199 -6.83 -1.01 33.10
CA THR A 199 -5.60 -0.29 32.80
C THR A 199 -4.48 -1.27 32.45
N TYR A 200 -3.88 -1.06 31.28
CA TYR A 200 -2.83 -1.95 30.78
C TYR A 200 -1.57 -1.93 31.63
N THR A 201 -0.99 -3.11 31.79
CA THR A 201 0.34 -3.26 32.32
C THR A 201 1.33 -2.87 31.24
N LEU A 202 2.52 -2.44 31.65
CA LEU A 202 3.59 -2.09 30.73
C LEU A 202 4.63 -3.19 30.78
N PRO A 203 4.84 -3.90 29.65
CA PRO A 203 5.91 -4.91 29.62
C PRO A 203 7.24 -4.30 30.04
N GLU A 204 7.95 -4.98 30.93
CA GLU A 204 9.22 -4.49 31.45
C GLU A 204 10.30 -4.48 30.37
N LYS A 205 10.28 -5.51 29.53
CA LYS A 205 11.24 -5.64 28.44
C LYS A 205 10.54 -6.09 27.16
N TRP A 206 11.15 -5.78 26.03
CA TRP A 206 10.60 -6.13 24.71
C TRP A 206 11.72 -6.40 23.72
N SER A 207 11.38 -7.02 22.60
CA SER A 207 12.34 -7.23 21.52
C SER A 207 11.66 -7.27 20.16
N ASP A 208 12.44 -7.02 19.12
CA ASP A 208 11.96 -7.13 17.74
C ASP A 208 12.91 -7.92 16.84
N GLU A 209 13.92 -8.53 17.45
CA GLU A 209 14.97 -9.22 16.68
C GLU A 209 14.43 -10.37 15.83
N SER A 210 14.91 -10.44 14.60
CA SER A 210 14.52 -11.47 13.65
C SER A 210 15.40 -12.70 13.79
N ILE A 211 15.27 -13.36 14.95
CA ILE A 211 15.97 -14.62 15.23
C ILE A 211 14.99 -15.56 15.95
N ASN A 212 15.43 -16.81 16.14
CA ASN A 212 14.66 -17.81 16.88
C ASN A 212 13.25 -18.02 16.32
N TRP A 213 13.14 -18.08 15.00
CA TRP A 213 11.85 -18.14 14.35
C TRP A 213 11.23 -19.54 14.33
N ASN A 214 11.87 -20.49 13.65
CA ASN A 214 11.25 -21.77 13.32
C ASN A 214 12.12 -23.00 13.62
N GLU A 215 12.73 -23.01 14.80
CA GLU A 215 13.55 -24.17 15.21
C GLU A 215 13.20 -24.59 16.64
N ASN A 216 13.61 -25.80 17.01
CA ASN A 216 13.33 -26.31 18.35
C ASN A 216 13.96 -25.46 19.44
N LYS A 217 15.19 -25.04 19.21
CA LYS A 217 15.95 -24.28 20.20
C LYS A 217 16.26 -22.89 19.68
N ILE A 218 16.42 -21.95 20.60
CA ILE A 218 16.90 -20.62 20.26
C ILE A 218 18.35 -20.72 19.77
N LEU A 219 18.72 -19.82 18.87
CA LEU A 219 20.13 -19.66 18.49
C LEU A 219 20.87 -19.05 19.69
N ARG A 220 20.26 -18.02 20.25
CA ARG A 220 20.76 -17.28 21.40
C ARG A 220 19.62 -16.38 21.87
N PRO A 221 19.64 -15.91 23.14
CA PRO A 221 18.54 -15.08 23.61
C PRO A 221 18.44 -13.76 22.85
N LYS A 222 17.21 -13.32 22.60
CA LYS A 222 16.97 -12.01 22.00
C LYS A 222 17.46 -10.89 22.91
N LYS A 223 17.90 -9.80 22.31
CA LYS A 223 18.16 -8.56 23.05
C LYS A 223 16.87 -8.13 23.74
N LEU A 224 16.96 -7.83 25.03
CA LEU A 224 15.80 -7.37 25.78
C LEU A 224 15.93 -5.87 26.07
N TYR A 225 15.14 -5.09 25.34
CA TYR A 225 15.16 -3.63 25.48
C TYR A 225 14.27 -3.18 26.62
N LYS A 226 14.73 -2.17 27.35
CA LYS A 226 13.88 -1.48 28.31
C LYS A 226 12.75 -0.80 27.55
N ASN A 227 11.56 -0.73 28.15
CA ASN A 227 10.42 -0.15 27.48
C ASN A 227 10.56 1.37 27.33
N ASN A 228 10.70 1.79 26.08
CA ASN A 228 10.93 3.21 25.75
C ASN A 228 9.68 3.91 25.22
N CYS A 229 8.52 3.38 25.58
CA CYS A 229 7.22 3.98 25.24
C CYS A 229 7.16 5.42 25.77
N ALA A 230 6.66 6.33 24.94
CA ALA A 230 6.61 7.75 25.29
C ALA A 230 5.21 8.31 25.12
N PHE A 231 4.80 9.17 26.06
CA PHE A 231 3.50 9.83 26.01
C PHE A 231 3.70 11.30 25.67
N TYR A 232 3.43 11.65 24.42
CA TYR A 232 3.57 13.03 23.96
C TYR A 232 2.25 13.78 24.07
N GLY A 233 2.17 14.66 25.06
CA GLY A 233 0.96 15.44 25.32
C GLY A 233 0.66 15.51 26.80
N SER A 234 -0.49 16.10 27.12
CA SER A 234 -0.92 16.26 28.51
C SER A 234 -2.41 15.97 28.67
N GLY A 235 -2.83 15.77 29.91
CA GLY A 235 -4.23 15.48 30.23
C GLY A 235 -4.65 14.08 29.83
N LYS A 236 -5.96 13.89 29.75
CA LYS A 236 -6.55 12.59 29.40
C LYS A 236 -7.40 12.72 28.14
N VAL A 237 -7.23 11.77 27.23
CA VAL A 237 -8.04 11.69 26.02
C VAL A 237 -8.80 10.37 26.00
N GLU A 238 -10.12 10.46 25.89
CA GLU A 238 -10.97 9.27 25.80
C GLU A 238 -11.76 9.28 24.50
N GLY A 239 -11.71 8.16 23.79
CA GLY A 239 -12.43 8.01 22.53
C GLY A 239 -12.38 6.60 21.99
N ARG A 240 -13.26 6.31 21.04
CA ARG A 240 -13.31 5.01 20.37
C ARG A 240 -12.01 4.75 19.62
N VAL A 241 -11.40 3.60 19.86
CA VAL A 241 -10.18 3.23 19.15
C VAL A 241 -10.50 2.53 17.82
N ILE A 242 -9.81 2.95 16.78
CA ILE A 242 -10.01 2.43 15.43
C ILE A 242 -8.66 2.30 14.73
N GLY A 243 -8.50 1.22 13.97
CA GLY A 243 -7.31 1.04 13.14
C GLY A 243 -6.78 -0.37 13.12
N GLY A 244 -5.45 -0.48 13.25
CA GLY A 244 -4.76 -1.77 13.16
C GLY A 244 -3.46 -1.60 12.41
N ASN A 245 -3.11 -2.60 11.60
CA ASN A 245 -1.92 -2.53 10.76
C ASN A 245 -2.16 -1.54 9.63
N LEU A 246 -1.39 -0.45 9.62
CA LEU A 246 -1.64 0.65 8.69
C LEU A 246 -1.43 0.27 7.24
N ASN A 247 -0.33 -0.43 6.95
CA ASN A 247 -0.09 -0.90 5.59
C ASN A 247 -1.24 -1.77 5.08
N THR A 248 -1.75 -2.64 5.95
CA THR A 248 -2.87 -3.52 5.59
C THR A 248 -4.16 -2.73 5.32
N LEU A 249 -4.38 -1.65 6.07
CA LEU A 249 -5.56 -0.82 5.87
C LEU A 249 -5.68 -0.28 4.44
N THR A 250 -4.56 -0.08 3.77
CA THR A 250 -4.59 0.37 2.37
C THR A 250 -5.33 -0.60 1.45
N GLY A 251 -5.40 -1.87 1.84
CA GLY A 251 -6.08 -2.89 1.04
C GLY A 251 -7.59 -2.87 1.14
N ILE A 252 -8.13 -2.17 2.13
CA ILE A 252 -9.58 -2.03 2.31
C ILE A 252 -10.05 -0.59 2.25
N TRP A 253 -9.09 0.34 2.15
CA TRP A 253 -9.36 1.77 2.21
C TRP A 253 -10.33 2.21 1.11
N GLY A 254 -11.25 3.09 1.47
CA GLY A 254 -12.24 3.63 0.54
C GLY A 254 -13.47 2.76 0.35
N SER A 255 -13.40 1.51 0.80
CA SER A 255 -14.49 0.55 0.60
C SER A 255 -15.45 0.52 1.78
N GLU A 256 -16.55 -0.22 1.61
CA GLU A 256 -17.55 -0.40 2.66
C GLU A 256 -17.02 -1.21 3.85
N TRP A 257 -15.85 -1.83 3.66
CA TRP A 257 -15.21 -2.62 4.72
C TRP A 257 -14.24 -1.81 5.59
N MET A 258 -13.95 -0.58 5.18
CA MET A 258 -13.15 0.31 6.00
C MET A 258 -14.06 1.08 6.95
N PRO A 259 -13.90 0.85 8.27
CA PRO A 259 -14.75 1.57 9.23
C PRO A 259 -14.51 3.07 9.12
N GLU A 260 -15.60 3.85 9.14
CA GLU A 260 -15.50 5.30 9.11
C GLU A 260 -14.82 5.81 10.37
N ILE A 261 -13.80 6.63 10.18
CA ILE A 261 -13.14 7.33 11.28
C ILE A 261 -13.90 8.61 11.54
N ARG A 262 -14.22 8.84 12.82
CA ARG A 262 -15.07 9.97 13.21
C ARG A 262 -14.34 10.91 14.16
N ASN A 263 -14.86 12.13 14.27
CA ASN A 263 -14.36 13.12 15.22
C ASN A 263 -14.28 12.52 16.63
N GLY A 264 -13.13 12.67 17.26
CA GLY A 264 -12.94 12.20 18.63
C GLY A 264 -12.36 10.81 18.76
N ASP A 265 -12.29 10.06 17.67
CA ASP A 265 -11.69 8.73 17.66
C ASP A 265 -10.23 8.76 18.09
N ILE A 266 -9.76 7.67 18.66
CA ILE A 266 -8.33 7.47 18.87
C ILE A 266 -7.84 6.54 17.76
N LEU A 267 -6.88 7.01 16.98
CA LEU A 267 -6.31 6.19 15.92
C LEU A 267 -5.22 5.28 16.47
N PHE A 268 -5.39 3.98 16.25
CA PHE A 268 -4.36 3.01 16.57
C PHE A 268 -3.76 2.47 15.28
N ILE A 269 -2.45 2.65 15.13
CA ILE A 269 -1.73 2.18 13.94
C ILE A 269 -0.40 1.56 14.32
N GLU A 270 -0.06 0.47 13.65
CA GLU A 270 1.26 -0.14 13.78
C GLU A 270 1.69 -0.69 12.42
N ASP A 271 3.00 -0.75 12.22
CA ASP A 271 3.58 -1.36 11.03
C ASP A 271 4.82 -2.17 11.39
N SER A 272 5.25 -3.01 10.44
CA SER A 272 6.35 -3.94 10.65
C SER A 272 7.35 -3.90 9.52
N ARG A 273 8.63 -3.83 9.86
CA ARG A 273 9.74 -3.97 8.92
C ARG A 273 9.66 -3.04 7.71
N LYS A 274 9.16 -1.83 7.93
CA LYS A 274 9.02 -0.86 6.84
C LYS A 274 10.20 0.10 6.79
N SER A 275 10.48 0.59 5.59
CA SER A 275 11.39 1.70 5.41
C SER A 275 10.71 2.98 5.86
N ILE A 276 11.52 3.96 6.27
CA ILE A 276 11.05 5.30 6.58
C ILE A 276 10.28 5.91 5.40
N ALA A 277 10.70 5.56 4.18
CA ALA A 277 10.00 6.00 2.97
C ALA A 277 8.55 5.53 2.96
N THR A 278 8.33 4.26 3.29
CA THR A 278 6.99 3.70 3.34
C THR A 278 6.17 4.32 4.47
N VAL A 279 6.81 4.53 5.62
CA VAL A 279 6.15 5.13 6.77
C VAL A 279 5.67 6.56 6.47
N GLU A 280 6.51 7.36 5.82
CA GLU A 280 6.09 8.69 5.37
C GLU A 280 4.88 8.60 4.43
N ARG A 281 4.94 7.67 3.47
CA ARG A 281 3.85 7.47 2.51
CA ARG A 281 3.84 7.49 2.51
C ARG A 281 2.52 7.18 3.22
N LEU A 282 2.56 6.27 4.18
CA LEU A 282 1.37 5.86 4.91
C LEU A 282 0.82 6.97 5.81
N PHE A 283 1.72 7.70 6.48
CA PHE A 283 1.30 8.83 7.30
C PHE A 283 0.67 9.93 6.44
N SER A 284 1.27 10.21 5.28
CA SER A 284 0.71 11.20 4.36
C SER A 284 -0.63 10.77 3.80
N MET A 285 -0.81 9.47 3.54
CA MET A 285 -2.12 8.94 3.13
C MET A 285 -3.19 9.32 4.15
N LEU A 286 -2.91 9.09 5.42
CA LEU A 286 -3.84 9.46 6.49
C LEU A 286 -4.12 10.96 6.49
N LYS A 287 -3.06 11.76 6.33
CA LYS A 287 -3.22 13.21 6.28
C LYS A 287 -4.16 13.63 5.15
N LEU A 288 -3.92 13.10 3.95
CA LEU A 288 -4.73 13.43 2.78
C LEU A 288 -6.20 13.07 2.99
N ASN A 289 -6.43 12.03 3.77
CA ASN A 289 -7.78 11.56 4.07
C ASN A 289 -8.47 12.28 5.23
N ARG A 290 -7.84 13.36 5.71
CA ARG A 290 -8.38 14.22 6.77
C ARG A 290 -8.48 13.52 8.13
N VAL A 291 -7.78 12.40 8.28
CA VAL A 291 -7.79 11.64 9.53
C VAL A 291 -7.28 12.48 10.70
N PHE A 292 -6.25 13.28 10.45
CA PHE A 292 -5.65 14.11 11.49
C PHE A 292 -6.48 15.36 11.84
N ASP A 293 -7.53 15.61 11.06
CA ASP A 293 -8.52 16.64 11.38
C ASP A 293 -9.60 16.09 12.33
N LYS A 294 -9.66 14.77 12.44
CA LYS A 294 -10.73 14.09 13.18
C LYS A 294 -10.28 13.54 14.54
N VAL A 295 -9.14 12.85 14.56
CA VAL A 295 -8.74 12.07 15.73
C VAL A 295 -8.26 12.94 16.90
N SER A 296 -8.57 12.47 18.11
CA SER A 296 -8.23 13.16 19.34
C SER A 296 -6.87 12.73 19.89
N ALA A 297 -6.42 11.53 19.48
CA ALA A 297 -5.13 11.00 19.87
C ALA A 297 -4.70 9.93 18.87
N ILE A 298 -3.39 9.66 18.84
CA ILE A 298 -2.84 8.60 18.02
C ILE A 298 -2.01 7.66 18.89
N ILE A 299 -2.23 6.36 18.71
CA ILE A 299 -1.40 5.33 19.32
C ILE A 299 -0.53 4.72 18.22
N LEU A 300 0.79 4.83 18.38
CA LEU A 300 1.71 4.14 17.49
C LEU A 300 2.20 2.88 18.20
N GLY A 301 1.92 1.72 17.61
CA GLY A 301 2.50 0.48 18.09
C GLY A 301 3.99 0.49 17.80
N LYS A 302 4.79 -0.17 18.64
CA LYS A 302 6.22 -0.30 18.38
C LYS A 302 6.43 -0.90 16.99
N HIS A 303 7.29 -0.27 16.20
CA HIS A 303 7.56 -0.69 14.83
C HIS A 303 8.70 -1.72 14.81
N GLU A 304 8.37 -2.95 14.46
CA GLU A 304 9.36 -4.03 14.38
C GLU A 304 10.41 -3.73 13.31
N LEU A 305 11.67 -3.61 13.74
CA LEU A 305 12.81 -3.45 12.83
C LEU A 305 12.58 -2.36 11.78
N PHE A 306 12.23 -1.17 12.25
CA PHE A 306 12.07 0.01 11.40
C PHE A 306 13.40 0.34 10.73
N ASP A 307 13.34 0.61 9.43
CA ASP A 307 14.52 0.96 8.64
C ASP A 307 14.54 2.46 8.38
N CYS A 308 15.39 3.16 9.13
CA CYS A 308 15.48 4.62 9.08
C CYS A 308 16.30 5.14 7.89
N ALA A 309 16.84 4.22 7.09
CA ALA A 309 17.69 4.56 5.94
C ALA A 309 18.91 5.40 6.30
N GLY A 310 19.40 5.22 7.52
CA GLY A 310 20.58 5.94 8.01
C GLY A 310 20.29 7.32 8.61
N SER A 311 19.02 7.74 8.55
CA SER A 311 18.62 9.06 9.04
C SER A 311 18.58 9.15 10.57
N LYS A 312 18.50 7.99 11.22
CA LYS A 312 18.36 7.88 12.68
C LYS A 312 17.04 8.46 13.21
N ARG A 313 16.11 8.75 12.29
CA ARG A 313 14.80 9.26 12.65
C ARG A 313 13.87 8.12 13.04
N ARG A 314 12.98 8.39 13.99
CA ARG A 314 11.96 7.43 14.39
C ARG A 314 10.62 7.82 13.77
N PRO A 315 9.67 6.86 13.69
CA PRO A 315 8.37 7.15 13.08
C PRO A 315 7.67 8.40 13.63
N TYR A 316 7.78 8.67 14.94
CA TYR A 316 7.15 9.84 15.55
C TYR A 316 7.64 11.15 14.93
N GLU A 317 8.93 11.22 14.60
CA GLU A 317 9.49 12.40 13.96
C GLU A 317 8.90 12.62 12.56
N VAL A 318 8.71 11.52 11.83
CA VAL A 318 8.10 11.58 10.51
C VAL A 318 6.64 12.03 10.62
N LEU A 319 5.91 11.46 11.57
CA LEU A 319 4.53 11.86 11.83
C LEU A 319 4.43 13.35 12.13
N THR A 320 5.34 13.84 12.95
CA THR A 320 5.39 15.27 13.31
C THR A 320 5.53 16.16 12.08
N GLU A 321 6.40 15.80 11.14
CA GLU A 321 6.53 16.58 9.91
C GLU A 321 5.23 16.56 9.11
N VAL A 322 4.65 15.37 8.95
CA VAL A 322 3.41 15.19 8.19
C VAL A 322 2.25 15.99 8.82
N LEU A 323 2.20 16.03 10.14
CA LEU A 323 1.15 16.74 10.87
C LEU A 323 1.12 18.24 10.60
N ASP A 324 2.26 18.81 10.21
CA ASP A 324 2.36 20.21 9.79
C ASP A 324 1.76 21.18 10.82
N GLY A 325 2.13 20.98 12.09
CA GLY A 325 1.69 21.86 13.16
C GLY A 325 0.41 21.46 13.87
N LYS A 326 -0.31 20.47 13.33
CA LYS A 326 -1.52 19.96 13.97
C LYS A 326 -1.16 19.26 15.27
N GLN A 327 -1.65 19.79 16.38
CA GLN A 327 -1.34 19.27 17.71
C GLN A 327 -2.26 18.12 18.06
N ILE A 328 -1.72 16.91 18.00
CA ILE A 328 -2.43 15.70 18.41
C ILE A 328 -1.54 14.95 19.39
N PRO A 329 -2.06 14.63 20.59
CA PRO A 329 -1.25 13.85 21.53
C PRO A 329 -1.02 12.43 21.02
N VAL A 330 0.18 11.92 21.23
CA VAL A 330 0.59 10.63 20.68
C VAL A 330 1.18 9.73 21.75
N LEU A 331 0.63 8.53 21.86
CA LEU A 331 1.25 7.46 22.62
C LEU A 331 2.17 6.74 21.64
N ASP A 332 3.48 6.97 21.78
CA ASP A 332 4.46 6.38 20.87
C ASP A 332 5.11 5.15 21.51
N GLY A 333 4.77 3.98 20.97
CA GLY A 333 5.41 2.73 21.40
C GLY A 333 4.55 1.80 22.23
N PHE A 334 3.25 1.77 21.96
CA PHE A 334 2.37 0.82 22.63
C PHE A 334 2.73 -0.60 22.21
N ASP A 335 2.71 -1.51 23.17
CA ASP A 335 3.12 -2.91 22.93
C ASP A 335 1.98 -3.74 22.37
N CYS A 336 1.45 -3.31 21.24
CA CYS A 336 0.41 -4.04 20.53
C CYS A 336 0.73 -3.95 19.05
N SER A 337 1.64 -4.81 18.62
CA SER A 337 2.23 -4.72 17.29
C SER A 337 2.95 -6.02 16.97
N HIS A 338 3.95 -5.95 16.08
CA HIS A 338 4.75 -7.10 15.70
C HIS A 338 5.90 -7.38 16.67
N THR A 339 6.13 -6.49 17.62
CA THR A 339 7.18 -6.70 18.63
C THR A 339 6.68 -7.65 19.72
N HIS A 340 7.63 -8.26 20.43
CA HIS A 340 7.31 -9.18 21.53
C HIS A 340 7.73 -8.54 22.86
N PRO A 341 6.87 -8.64 23.89
CA PRO A 341 5.58 -9.31 23.90
C PRO A 341 4.48 -8.44 23.31
N MET A 342 3.31 -9.03 23.10
CA MET A 342 2.19 -8.34 22.49
C MET A 342 0.98 -8.35 23.42
N LEU A 343 0.38 -7.18 23.61
CA LEU A 343 -0.84 -7.04 24.39
C LEU A 343 -2.06 -7.25 23.49
N THR A 344 -3.19 -7.59 24.10
CA THR A 344 -4.45 -7.78 23.39
C THR A 344 -5.32 -6.52 23.53
N LEU A 345 -5.81 -6.02 22.40
CA LEU A 345 -6.57 -4.77 22.36
C LEU A 345 -7.90 -4.93 21.62
N PRO A 346 -9.02 -4.65 22.30
CA PRO A 346 -10.30 -4.61 21.59
C PRO A 346 -10.37 -3.38 20.69
N LEU A 347 -10.87 -3.56 19.47
CA LEU A 347 -11.01 -2.46 18.52
C LEU A 347 -12.47 -2.05 18.41
N GLY A 348 -12.70 -0.74 18.39
CA GLY A 348 -14.06 -0.20 18.24
C GLY A 348 -14.75 0.15 19.54
N VAL A 349 -14.01 0.11 20.64
CA VAL A 349 -14.52 0.54 21.94
C VAL A 349 -13.69 1.69 22.49
N LYS A 350 -14.23 2.38 23.49
CA LYS A 350 -13.56 3.53 24.08
C LYS A 350 -12.33 3.14 24.91
N LEU A 351 -11.25 3.88 24.69
CA LEU A 351 -10.06 3.83 25.52
C LEU A 351 -9.83 5.20 26.13
N ALA A 352 -9.13 5.25 27.25
CA ALA A 352 -8.68 6.50 27.84
C ALA A 352 -7.17 6.46 27.98
N ILE A 353 -6.50 7.42 27.33
CA ILE A 353 -5.05 7.57 27.48
C ILE A 353 -4.80 8.73 28.42
N ASP A 354 -4.14 8.44 29.53
CA ASP A 354 -3.72 9.49 30.46
C ASP A 354 -2.27 9.84 30.17
N PHE A 355 -2.07 10.99 29.52
CA PHE A 355 -0.73 11.43 29.12
C PHE A 355 0.09 11.98 30.28
N ASP A 356 -0.58 12.40 31.34
CA ASP A 356 0.11 12.87 32.55
C ASP A 356 0.62 11.71 33.39
N ASN A 357 -0.23 10.70 33.57
CA ASN A 357 0.12 9.53 34.39
C ASN A 357 0.72 8.39 33.59
N LYS A 358 0.85 8.58 32.28
CA LYS A 358 1.51 7.63 31.38
C LYS A 358 0.87 6.24 31.44
N ASN A 359 -0.44 6.18 31.23
CA ASN A 359 -1.14 4.91 31.15
C ASN A 359 -2.26 4.92 30.12
N ILE A 360 -2.78 3.73 29.82
CA ILE A 360 -3.83 3.55 28.84
C ILE A 360 -4.83 2.52 29.35
N SER A 361 -6.11 2.83 29.22
CA SER A 361 -7.17 2.01 29.78
C SER A 361 -8.30 1.75 28.78
N ILE A 362 -8.94 0.58 28.92
CA ILE A 362 -10.19 0.30 28.23
C ILE A 362 -11.32 0.77 29.14
N THR A 363 -12.23 1.59 28.63
CA THR A 363 -13.28 2.19 29.46
C THR A 363 -14.69 1.74 29.06
N GLU A 364 -14.79 0.94 28.00
CA GLU A 364 -16.08 0.47 27.50
C GLU A 364 -16.10 -1.06 27.44
N GLN A 365 -17.24 -1.64 27.84
CA GLN A 365 -17.45 -3.08 27.79
C GLN A 365 -17.20 -3.62 26.38
N TYR A 366 -16.42 -4.70 26.29
CA TYR A 366 -15.98 -5.23 25.00
C TYR A 366 -16.27 -6.72 24.83
N LEU A 367 -16.77 -7.35 25.88
CA LEU A 367 -17.28 -8.72 25.82
C LEU A 367 -18.55 -8.80 26.67
N SER A 368 -19.41 -9.77 26.37
CA SER A 368 -20.66 -9.94 27.10
C SER A 368 -20.43 -10.44 28.54
N PRO B 34 -11.82 19.27 -20.50
CA PRO B 34 -10.59 19.15 -19.73
C PRO B 34 -9.62 20.31 -19.98
N LEU B 35 -8.75 20.56 -19.00
CA LEU B 35 -7.72 21.58 -19.13
C LEU B 35 -6.53 21.00 -19.89
N LEU B 36 -6.13 21.69 -20.96
CA LEU B 36 -5.09 21.20 -21.85
C LEU B 36 -3.86 22.10 -21.87
N ALA B 37 -2.69 21.48 -21.80
CA ALA B 37 -1.42 22.18 -21.93
C ALA B 37 -1.10 22.41 -23.42
N ALA B 38 -0.22 23.38 -23.67
CA ALA B 38 0.31 23.61 -25.01
C ALA B 38 1.21 22.44 -25.43
N PRO B 39 1.21 22.07 -26.72
CA PRO B 39 2.05 20.98 -27.19
C PRO B 39 3.53 21.30 -27.04
N LEU B 40 4.34 20.26 -26.92
CA LEU B 40 5.79 20.40 -26.87
C LEU B 40 6.33 20.68 -28.27
N ALA B 41 7.44 21.41 -28.33
CA ALA B 41 8.17 21.61 -29.57
C ALA B 41 9.65 21.37 -29.30
N VAL B 42 10.36 20.82 -30.26
CA VAL B 42 11.82 20.69 -30.18
C VAL B 42 12.40 22.08 -29.93
N GLY B 43 13.29 22.18 -28.96
CA GLY B 43 13.88 23.46 -28.58
C GLY B 43 13.28 24.08 -27.33
N ASP B 44 12.14 23.53 -26.88
CA ASP B 44 11.48 23.98 -25.67
C ASP B 44 12.32 23.72 -24.42
N THR B 45 11.95 24.38 -23.33
CA THR B 45 12.60 24.18 -22.05
C THR B 45 11.83 23.16 -21.20
N ILE B 46 12.55 22.15 -20.75
CA ILE B 46 12.00 21.13 -19.86
C ILE B 46 12.60 21.33 -18.47
N GLY B 47 11.74 21.47 -17.47
CA GLY B 47 12.17 21.53 -16.08
C GLY B 47 12.02 20.18 -15.43
N PHE B 48 12.99 19.79 -14.60
CA PHE B 48 12.88 18.52 -13.87
C PHE B 48 12.91 18.69 -12.35
N PHE B 49 12.20 17.81 -11.67
CA PHE B 49 12.04 17.86 -10.22
C PHE B 49 12.18 16.47 -9.62
N SER B 50 12.57 16.43 -8.35
CA SER B 50 12.72 15.18 -7.61
C SER B 50 11.75 15.16 -6.43
N SER B 51 10.56 14.61 -6.65
CA SER B 51 9.53 14.62 -5.61
C SER B 51 9.67 13.48 -4.60
N SER B 52 10.62 12.58 -4.83
CA SER B 52 10.85 11.48 -3.90
C SER B 52 12.34 11.11 -3.78
N ALA B 53 12.75 10.02 -4.42
CA ALA B 53 14.14 9.53 -4.28
C ALA B 53 15.16 10.51 -4.89
N PRO B 54 16.29 10.73 -4.19
CA PRO B 54 17.29 11.69 -4.65
C PRO B 54 18.26 11.11 -5.69
N ALA B 55 17.70 10.60 -6.79
CA ALA B 55 18.49 9.87 -7.77
C ALA B 55 19.45 10.71 -8.63
N THR B 56 19.31 12.04 -8.61
CA THR B 56 20.30 12.90 -9.27
C THR B 56 21.65 12.76 -8.58
N VAL B 57 21.63 12.29 -7.34
CA VAL B 57 22.85 11.98 -6.58
C VAL B 57 23.16 10.48 -6.61
N THR B 58 22.17 9.65 -6.27
CA THR B 58 22.41 8.21 -6.12
C THR B 58 22.53 7.46 -7.44
N ALA B 59 22.02 8.06 -8.51
CA ALA B 59 22.18 7.51 -9.87
C ALA B 59 22.72 8.61 -10.80
N LYS B 60 23.79 9.26 -10.37
CA LYS B 60 24.33 10.43 -11.06
C LYS B 60 24.78 10.16 -12.49
N ASN B 61 25.39 9.00 -12.73
CA ASN B 61 25.82 8.62 -14.07
C ASN B 61 24.65 8.51 -15.04
N ARG B 62 23.59 7.82 -14.62
CA ARG B 62 22.39 7.67 -15.43
C ARG B 62 21.67 9.01 -15.62
N PHE B 63 21.64 9.82 -14.55
CA PHE B 63 21.10 11.17 -14.60
C PHE B 63 21.78 12.01 -15.69
N PHE B 64 23.11 12.03 -15.69
CA PHE B 64 23.88 12.77 -16.70
C PHE B 64 23.63 12.25 -18.12
N ARG B 65 23.47 10.93 -18.26
CA ARG B 65 23.11 10.35 -19.55
C ARG B 65 21.77 10.86 -20.06
N GLY B 66 20.80 10.97 -19.15
CA GLY B 66 19.46 11.48 -19.48
C GLY B 66 19.49 12.94 -19.88
N VAL B 67 20.22 13.74 -19.11
CA VAL B 67 20.42 15.16 -19.40
C VAL B 67 21.04 15.35 -20.79
N GLU B 68 22.13 14.63 -21.05
CA GLU B 68 22.83 14.72 -22.33
C GLU B 68 21.97 14.26 -23.50
N PHE B 69 21.19 13.20 -23.30
CA PHE B 69 20.29 12.68 -24.31
C PHE B 69 19.28 13.73 -24.79
N LEU B 70 18.60 14.38 -23.85
CA LEU B 70 17.59 15.37 -24.18
C LEU B 70 18.19 16.67 -24.74
N GLN B 71 19.36 17.05 -24.22
CA GLN B 71 20.08 18.22 -24.73
C GLN B 71 20.50 18.03 -26.18
N ARG B 72 20.94 16.82 -26.52
CA ARG B 72 21.32 16.49 -27.90
C ARG B 72 20.14 16.56 -28.86
N LYS B 73 18.94 16.29 -28.34
CA LYS B 73 17.70 16.41 -29.12
C LYS B 73 17.31 17.87 -29.35
N GLY B 74 17.95 18.79 -28.64
CA GLY B 74 17.73 20.22 -28.84
C GLY B 74 17.00 20.91 -27.70
N PHE B 75 16.65 20.16 -26.66
CA PHE B 75 15.93 20.73 -25.53
C PHE B 75 16.84 21.46 -24.57
N LYS B 76 16.32 22.56 -24.00
CA LYS B 76 16.97 23.24 -22.90
C LYS B 76 16.42 22.67 -21.60
N LEU B 77 17.29 22.50 -20.61
CA LEU B 77 16.88 21.89 -19.34
C LEU B 77 17.07 22.84 -18.17
N VAL B 78 16.04 22.92 -17.33
CA VAL B 78 16.13 23.64 -16.06
C VAL B 78 16.10 22.65 -14.92
N SER B 79 17.14 22.67 -14.10
CA SER B 79 17.26 21.78 -12.96
C SER B 79 16.47 22.31 -11.79
N GLY B 80 15.59 21.47 -11.23
CA GLY B 80 14.85 21.83 -10.02
C GLY B 80 15.81 22.07 -8.87
N LYS B 81 15.38 22.87 -7.91
CA LYS B 81 16.28 23.34 -6.84
C LYS B 81 16.80 22.23 -5.91
N LEU B 82 16.22 21.04 -5.97
CA LEU B 82 16.69 19.93 -5.14
C LEU B 82 17.63 18.98 -5.87
N THR B 83 17.96 19.31 -7.12
CA THR B 83 18.95 18.56 -7.88
C THR B 83 20.30 18.59 -7.13
N GLY B 84 20.89 17.42 -6.94
CA GLY B 84 22.18 17.32 -6.26
C GLY B 84 22.09 17.33 -4.74
N LYS B 85 20.87 17.33 -4.21
CA LYS B 85 20.66 17.31 -2.76
C LYS B 85 20.20 15.94 -2.29
N THR B 86 20.50 15.61 -1.03
CA THR B 86 20.00 14.38 -0.42
C THR B 86 19.50 14.62 1.00
N ASP B 87 18.38 14.00 1.33
CA ASP B 87 17.92 13.85 2.69
C ASP B 87 17.68 12.37 2.93
N PHE B 88 18.77 11.61 2.86
CA PHE B 88 18.76 10.16 3.02
C PHE B 88 17.89 9.47 1.95
N TYR B 89 16.64 9.16 2.29
CA TYR B 89 15.75 8.42 1.40
C TYR B 89 14.99 9.30 0.41
N ARG B 90 15.10 10.61 0.58
CA ARG B 90 14.34 11.57 -0.21
C ARG B 90 15.23 12.76 -0.60
N SER B 91 14.72 13.61 -1.49
CA SER B 91 15.47 14.77 -1.99
C SER B 91 15.47 15.93 -1.00
N GLY B 92 14.48 15.98 -0.13
CA GLY B 92 14.34 17.05 0.84
C GLY B 92 13.04 16.93 1.62
N THR B 93 12.77 17.93 2.45
CA THR B 93 11.54 17.95 3.24
C THR B 93 10.31 17.98 2.34
N ILE B 94 9.16 17.63 2.91
CA ILE B 94 7.88 17.70 2.20
C ILE B 94 7.67 19.09 1.59
N LYS B 95 7.85 20.14 2.40
CA LYS B 95 7.62 21.50 1.94
C LYS B 95 8.61 21.93 0.85
N GLU B 96 9.88 21.54 0.99
CA GLU B 96 10.89 21.87 -0.02
C GLU B 96 10.65 21.19 -1.37
N ARG B 97 10.17 19.95 -1.33
CA ARG B 97 9.82 19.22 -2.53
C ARG B 97 8.62 19.85 -3.25
N ALA B 98 7.62 20.27 -2.48
CA ALA B 98 6.48 20.99 -3.03
C ALA B 98 6.92 22.31 -3.67
N GLN B 99 7.81 23.03 -2.98
CA GLN B 99 8.37 24.27 -3.51
C GLN B 99 9.15 24.06 -4.82
N GLU B 100 9.94 22.98 -4.88
CA GLU B 100 10.70 22.66 -6.09
C GLU B 100 9.78 22.53 -7.30
N PHE B 101 8.69 21.79 -7.13
CA PHE B 101 7.70 21.60 -8.18
C PHE B 101 7.01 22.91 -8.54
N ASN B 102 6.52 23.62 -7.54
CA ASN B 102 5.80 24.89 -7.74
C ASN B 102 6.64 25.92 -8.51
N GLU B 103 7.92 26.01 -8.18
CA GLU B 103 8.83 26.94 -8.84
C GLU B 103 8.98 26.67 -10.34
N LEU B 104 8.85 25.41 -10.73
CA LEU B 104 8.87 25.05 -12.15
C LEU B 104 7.59 25.49 -12.84
N VAL B 105 6.46 25.37 -12.13
CA VAL B 105 5.17 25.87 -12.62
C VAL B 105 5.22 27.39 -12.83
N TYR B 106 5.91 28.10 -11.93
CA TYR B 106 6.00 29.56 -12.01
C TYR B 106 6.92 30.07 -13.11
N ASN B 107 7.80 29.20 -13.61
CA ASN B 107 8.75 29.58 -14.66
C ASN B 107 8.05 29.66 -16.02
N PRO B 108 7.97 30.87 -16.61
CA PRO B 108 7.21 31.06 -17.85
C PRO B 108 7.86 30.42 -19.08
N ASP B 109 9.15 30.11 -18.97
CA ASP B 109 9.90 29.52 -20.08
C ASP B 109 9.72 28.01 -20.20
N ILE B 110 9.27 27.37 -19.12
CA ILE B 110 9.12 25.91 -19.08
C ILE B 110 7.79 25.47 -19.69
N THR B 111 7.85 24.55 -20.66
CA THR B 111 6.64 24.01 -21.29
C THR B 111 6.33 22.59 -20.80
N CYS B 112 7.35 21.93 -20.24
CA CYS B 112 7.22 20.56 -19.78
C CYS B 112 7.92 20.38 -18.44
N ILE B 113 7.18 19.85 -17.48
CA ILE B 113 7.71 19.55 -16.14
C ILE B 113 7.81 18.04 -16.02
N MET B 114 9.05 17.55 -15.87
CA MET B 114 9.36 16.13 -15.94
C MET B 114 9.96 15.63 -14.63
N SER B 115 9.43 14.51 -14.13
CA SER B 115 9.99 13.85 -12.95
C SER B 115 11.38 13.30 -13.26
N THR B 116 12.29 13.38 -12.28
CA THR B 116 13.60 12.74 -12.44
C THR B 116 13.49 11.23 -12.22
N ILE B 117 12.73 10.84 -11.19
CA ILE B 117 12.52 9.45 -10.80
C ILE B 117 11.42 9.40 -9.75
N GLY B 118 10.90 8.21 -9.47
CA GLY B 118 9.87 8.03 -8.45
C GLY B 118 10.47 7.76 -7.08
N GLY B 119 9.95 6.74 -6.42
CA GLY B 119 10.31 6.45 -5.04
C GLY B 119 9.09 6.02 -4.26
N ASP B 120 8.71 6.82 -3.27
CA ASP B 120 7.64 6.47 -2.34
C ASP B 120 6.83 7.68 -1.85
N ASN B 121 7.35 8.88 -2.04
CA ASN B 121 6.93 10.00 -1.21
C ASN B 121 6.29 11.22 -1.88
N SER B 122 5.91 11.07 -3.16
CA SER B 122 5.26 12.15 -3.89
C SER B 122 3.93 12.57 -3.26
N ASN B 123 3.19 11.62 -2.68
CA ASN B 123 1.89 11.93 -2.09
C ASN B 123 1.93 12.96 -0.97
N SER B 124 3.09 13.06 -0.30
CA SER B 124 3.28 14.04 0.77
C SER B 124 3.10 15.49 0.29
N LEU B 125 3.42 15.74 -0.97
CA LEU B 125 3.43 17.09 -1.53
C LEU B 125 2.04 17.65 -1.80
N LEU B 126 1.05 16.76 -1.90
CA LEU B 126 -0.26 17.13 -2.44
C LEU B 126 -0.98 18.29 -1.74
N PRO B 127 -0.90 18.41 -0.40
CA PRO B 127 -1.55 19.56 0.24
C PRO B 127 -0.88 20.90 -0.10
N PHE B 128 0.32 20.86 -0.66
CA PHE B 128 1.16 22.04 -0.80
C PHE B 128 1.46 22.45 -2.24
N LEU B 129 0.93 21.71 -3.21
CA LEU B 129 1.10 22.08 -4.62
C LEU B 129 0.21 23.26 -4.96
N ASP B 130 0.70 24.11 -5.85
CA ASP B 130 -0.03 25.30 -6.26
C ASP B 130 -0.96 24.98 -7.43
N TYR B 131 -2.12 24.40 -7.11
CA TYR B 131 -3.09 24.00 -8.13
C TYR B 131 -3.65 25.17 -8.93
N ASP B 132 -3.82 26.31 -8.25
CA ASP B 132 -4.29 27.52 -8.91
C ASP B 132 -3.29 28.01 -9.96
N ALA B 133 -2.00 27.94 -9.64
CA ALA B 133 -0.95 28.31 -10.60
C ALA B 133 -0.91 27.35 -11.79
N ILE B 134 -1.17 26.06 -11.52
CA ILE B 134 -1.25 25.05 -12.57
C ILE B 134 -2.42 25.36 -13.53
N ILE B 135 -3.57 25.72 -12.98
CA ILE B 135 -4.73 26.11 -13.78
C ILE B 135 -4.43 27.36 -14.61
N ALA B 136 -3.76 28.34 -14.00
CA ALA B 136 -3.44 29.61 -14.64
C ALA B 136 -2.46 29.48 -15.80
N ASN B 137 -1.53 28.53 -15.70
CA ASN B 137 -0.57 28.28 -16.77
C ASN B 137 -0.32 26.78 -16.94
N PRO B 138 -1.24 26.08 -17.63
CA PRO B 138 -1.11 24.65 -17.84
C PRO B 138 0.15 24.28 -18.60
N LYS B 139 0.85 23.27 -18.11
CA LYS B 139 2.06 22.76 -18.75
C LYS B 139 1.95 21.24 -18.85
N ILE B 140 2.79 20.66 -19.68
CA ILE B 140 2.91 19.20 -19.77
C ILE B 140 3.60 18.71 -18.50
N ILE B 141 2.89 17.90 -17.71
CA ILE B 141 3.46 17.28 -16.53
C ILE B 141 3.57 15.78 -16.81
N ILE B 142 4.77 15.25 -16.67
CA ILE B 142 5.06 13.89 -17.10
C ILE B 142 5.97 13.15 -16.13
N GLY B 143 5.66 11.88 -15.93
CA GLY B 143 6.43 11.00 -15.07
C GLY B 143 5.65 9.72 -14.91
N TYR B 144 6.10 8.85 -14.02
CA TYR B 144 5.40 7.61 -13.75
C TYR B 144 5.73 7.08 -12.36
N ALA B 145 5.28 5.86 -12.06
CA ALA B 145 5.60 5.20 -10.80
C ALA B 145 5.07 6.01 -9.63
N ASP B 146 5.91 6.31 -8.64
CA ASP B 146 5.49 7.10 -7.49
C ASP B 146 4.88 8.45 -7.87
N THR B 147 5.34 9.01 -8.99
CA THR B 147 4.86 10.33 -9.43
C THR B 147 3.37 10.29 -9.80
N THR B 148 2.82 9.09 -9.93
CA THR B 148 1.36 8.90 -10.09
C THR B 148 0.57 9.73 -9.08
N ALA B 149 1.06 9.81 -7.84
CA ALA B 149 0.38 10.59 -6.82
C ALA B 149 0.16 12.03 -7.28
N LEU B 150 1.17 12.61 -7.92
CA LEU B 150 1.09 13.97 -8.45
C LEU B 150 0.23 14.06 -9.70
N LEU B 151 0.42 13.11 -10.63
CA LEU B 151 -0.34 13.12 -11.87
C LEU B 151 -1.84 13.02 -11.60
N ALA B 152 -2.21 12.08 -10.73
CA ALA B 152 -3.60 11.87 -10.35
C ALA B 152 -4.14 13.01 -9.49
N GLY B 153 -3.35 13.47 -8.52
CA GLY B 153 -3.73 14.57 -7.64
C GLY B 153 -3.97 15.87 -8.39
N ILE B 154 -3.08 16.20 -9.32
CA ILE B 154 -3.22 17.39 -10.14
C ILE B 154 -4.47 17.31 -11.02
N TYR B 155 -4.70 16.16 -11.63
CA TYR B 155 -5.91 15.94 -12.42
C TYR B 155 -7.17 16.12 -11.57
N ALA B 156 -7.18 15.52 -10.38
CA ALA B 156 -8.32 15.61 -9.47
C ALA B 156 -8.65 17.06 -9.10
N LYS B 157 -7.63 17.88 -8.89
CA LYS B 157 -7.81 19.25 -8.44
C LYS B 157 -8.01 20.28 -9.56
N THR B 158 -7.50 19.98 -10.76
CA THR B 158 -7.44 20.97 -11.83
C THR B 158 -8.11 20.54 -13.15
N GLY B 159 -8.24 19.24 -13.35
CA GLY B 159 -8.74 18.70 -14.62
C GLY B 159 -7.70 18.70 -15.72
N LEU B 160 -6.46 19.04 -15.38
CA LEU B 160 -5.36 19.06 -16.34
C LEU B 160 -5.04 17.65 -16.82
N ILE B 161 -4.93 17.50 -18.14
CA ILE B 161 -4.50 16.25 -18.73
C ILE B 161 -2.98 16.14 -18.59
N THR B 162 -2.57 15.24 -17.71
CA THR B 162 -1.16 14.96 -17.45
C THR B 162 -0.77 13.66 -18.15
N PHE B 163 0.51 13.30 -18.06
CA PHE B 163 1.04 12.22 -18.89
C PHE B 163 1.77 11.15 -18.10
N TYR B 164 1.34 9.91 -18.26
CA TYR B 164 2.08 8.77 -17.78
C TYR B 164 3.14 8.46 -18.82
N GLY B 165 4.39 8.74 -18.47
CA GLY B 165 5.47 8.63 -19.43
C GLY B 165 6.83 8.83 -18.80
N PRO B 166 7.85 9.06 -19.63
CA PRO B 166 9.25 9.16 -19.22
C PRO B 166 9.55 10.04 -18.01
N ALA B 167 10.35 9.48 -17.11
CA ALA B 167 11.05 10.25 -16.09
C ALA B 167 12.50 10.34 -16.56
N LEU B 168 13.16 11.46 -16.28
CA LEU B 168 14.47 11.76 -16.84
C LEU B 168 15.50 10.65 -16.64
N ILE B 169 15.64 10.17 -15.40
CA ILE B 169 16.69 9.22 -15.06
C ILE B 169 16.43 7.80 -15.57
N PRO B 170 15.33 7.14 -15.12
CA PRO B 170 15.14 5.77 -15.61
C PRO B 170 14.83 5.68 -17.11
N SER B 171 14.08 6.63 -17.65
CA SER B 171 13.62 6.54 -19.04
C SER B 171 14.63 7.04 -20.05
N PHE B 172 15.19 8.22 -19.81
CA PHE B 172 16.11 8.81 -20.79
C PHE B 172 17.59 8.57 -20.48
N GLY B 173 17.87 7.99 -19.31
CA GLY B 173 19.22 7.54 -18.98
C GLY B 173 19.46 6.11 -19.43
N GLU B 174 18.42 5.47 -19.97
CA GLU B 174 18.51 4.14 -20.56
C GLU B 174 19.42 4.17 -21.78
N HIS B 175 20.24 3.14 -21.94
CA HIS B 175 21.11 3.02 -23.10
C HIS B 175 20.31 2.71 -24.36
N PRO B 176 20.82 3.15 -25.54
CA PRO B 176 20.27 2.67 -26.80
C PRO B 176 20.40 1.14 -26.86
N PRO B 177 19.52 0.46 -27.62
CA PRO B 177 18.51 1.01 -28.54
C PRO B 177 17.16 1.35 -27.91
N LEU B 178 16.90 0.87 -26.69
CA LEU B 178 15.57 0.98 -26.10
C LEU B 178 15.13 2.41 -25.81
N VAL B 179 16.09 3.26 -25.43
CA VAL B 179 15.81 4.68 -25.17
C VAL B 179 15.25 5.41 -26.41
N ASP B 180 15.70 5.00 -27.59
CA ASP B 180 15.27 5.62 -28.84
C ASP B 180 13.79 5.37 -29.11
N ILE B 181 13.31 4.17 -28.75
CA ILE B 181 11.89 3.84 -28.92
C ILE B 181 11.04 4.61 -27.90
N THR B 182 11.52 4.71 -26.67
CA THR B 182 10.89 5.54 -25.65
C THR B 182 10.78 6.99 -26.13
N TYR B 183 11.87 7.53 -26.65
CA TYR B 183 11.88 8.90 -27.13
C TYR B 183 10.92 9.12 -28.30
N GLU B 184 10.89 8.16 -29.23
CA GLU B 184 9.99 8.27 -30.39
C GLU B 184 8.53 8.44 -29.98
N SER B 185 8.09 7.70 -28.97
CA SER B 185 6.73 7.82 -28.45
C SER B 185 6.52 9.16 -27.76
N PHE B 186 7.46 9.52 -26.87
CA PHE B 186 7.46 10.79 -26.16
C PHE B 186 7.26 11.97 -27.13
N ILE B 187 8.10 12.03 -28.15
CA ILE B 187 8.07 13.14 -29.10
C ILE B 187 6.84 13.10 -30.01
N LYS B 188 6.42 11.90 -30.43
CA LYS B 188 5.24 11.75 -31.26
C LYS B 188 3.98 12.23 -30.54
N ILE B 189 3.76 11.72 -29.33
CA ILE B 189 2.57 12.05 -28.54
C ILE B 189 2.49 13.55 -28.24
N LEU B 190 3.62 14.13 -27.84
CA LEU B 190 3.63 15.51 -27.34
C LEU B 190 3.74 16.61 -28.40
N THR B 191 4.14 16.24 -29.62
CA THR B 191 4.32 17.24 -30.69
C THR B 191 3.32 17.13 -31.85
N ARG B 192 2.67 15.97 -31.99
CA ARG B 192 1.77 15.74 -33.12
C ARG B 192 0.59 16.72 -33.17
N LYS B 193 0.08 16.95 -34.38
CA LYS B 193 -1.12 17.74 -34.56
C LYS B 193 -2.31 17.01 -33.94
N GLN B 194 -3.19 17.78 -33.29
CA GLN B 194 -4.36 17.23 -32.63
C GLN B 194 -5.51 17.09 -33.61
N SER B 195 -5.30 16.27 -34.64
CA SER B 195 -6.32 15.99 -35.65
C SER B 195 -6.42 14.50 -35.88
N GLY B 196 -7.63 13.97 -35.74
CA GLY B 196 -7.87 12.53 -35.86
C GLY B 196 -7.33 11.76 -34.68
N ILE B 197 -7.70 10.48 -34.61
CA ILE B 197 -7.23 9.60 -33.54
C ILE B 197 -5.75 9.30 -33.69
N TYR B 198 -5.09 8.95 -32.59
CA TYR B 198 -3.74 8.44 -32.65
C TYR B 198 -3.70 6.98 -32.22
N THR B 199 -3.21 6.12 -33.10
CA THR B 199 -3.10 4.69 -32.81
C THR B 199 -1.65 4.34 -32.46
N TYR B 200 -1.47 3.74 -31.30
CA TYR B 200 -0.14 3.39 -30.80
C TYR B 200 0.58 2.35 -31.64
N THR B 201 1.89 2.55 -31.79
CA THR B 201 2.78 1.55 -32.33
C THR B 201 3.07 0.53 -31.24
N LEU B 202 3.40 -0.69 -31.64
CA LEU B 202 3.77 -1.73 -30.71
C LEU B 202 5.28 -1.93 -30.77
N PRO B 203 5.98 -1.69 -29.65
CA PRO B 203 7.42 -1.97 -29.63
C PRO B 203 7.68 -3.43 -30.02
N GLU B 204 8.62 -3.63 -30.95
CA GLU B 204 8.92 -4.97 -31.46
C GLU B 204 9.52 -5.85 -30.36
N LYS B 205 10.41 -5.26 -29.57
CA LYS B 205 11.07 -5.95 -28.48
C LYS B 205 11.12 -5.08 -27.21
N TRP B 206 11.25 -5.74 -26.06
CA TRP B 206 11.25 -5.07 -24.77
C TRP B 206 12.14 -5.80 -23.78
N SER B 207 12.44 -5.16 -22.66
CA SER B 207 13.21 -5.79 -21.59
C SER B 207 12.82 -5.26 -20.22
N ASP B 208 13.03 -6.09 -19.20
CA ASP B 208 12.94 -5.66 -17.81
C ASP B 208 14.18 -6.05 -17.02
N GLU B 209 15.24 -6.46 -17.72
CA GLU B 209 16.47 -6.94 -17.08
C GLU B 209 17.13 -5.84 -16.24
N SER B 210 17.48 -6.21 -15.01
CA SER B 210 18.07 -5.27 -14.06
C SER B 210 19.59 -5.19 -14.19
N ILE B 211 20.04 -4.73 -15.35
CA ILE B 211 21.46 -4.45 -15.61
C ILE B 211 21.60 -3.06 -16.22
N ASN B 212 22.84 -2.59 -16.34
CA ASN B 212 23.14 -1.29 -16.96
C ASN B 212 22.33 -0.13 -16.37
N TRP B 213 22.25 -0.08 -15.05
CA TRP B 213 21.52 0.98 -14.37
C TRP B 213 22.36 2.26 -14.27
N ASN B 214 23.33 2.25 -13.36
CA ASN B 214 24.14 3.44 -13.09
C ASN B 214 25.62 3.24 -13.43
N GLU B 215 25.93 2.10 -14.04
CA GLU B 215 27.29 1.81 -14.52
C GLU B 215 27.62 2.73 -15.69
N ASN B 216 28.89 3.11 -15.81
CA ASN B 216 29.33 4.03 -16.85
C ASN B 216 29.48 3.40 -18.23
N LYS B 217 30.02 2.19 -18.28
CA LYS B 217 30.17 1.47 -19.54
C LYS B 217 29.62 0.05 -19.48
N ILE B 218 28.88 -0.32 -20.51
CA ILE B 218 28.19 -1.61 -20.58
C ILE B 218 29.11 -2.76 -20.96
N LEU B 219 28.79 -3.95 -20.46
CA LEU B 219 29.49 -5.17 -20.84
C LEU B 219 28.70 -5.90 -21.93
N ARG B 220 27.37 -5.80 -21.85
CA ARG B 220 26.47 -6.41 -22.83
C ARG B 220 25.10 -5.70 -22.86
N PRO B 221 24.41 -5.73 -24.01
CA PRO B 221 23.05 -5.19 -24.09
C PRO B 221 22.07 -6.05 -23.28
N LYS B 222 20.94 -5.45 -22.89
CA LYS B 222 19.90 -6.16 -22.17
C LYS B 222 19.29 -7.27 -23.03
N LYS B 223 18.88 -8.36 -22.38
CA LYS B 223 18.14 -9.42 -23.05
C LYS B 223 16.83 -8.88 -23.59
N LEU B 224 16.56 -9.14 -24.85
CA LEU B 224 15.35 -8.63 -25.51
C LEU B 224 14.32 -9.72 -25.70
N TYR B 225 13.07 -9.40 -25.38
CA TYR B 225 11.97 -10.34 -25.50
C TYR B 225 11.00 -9.86 -26.56
N LYS B 226 10.42 -10.81 -27.30
CA LYS B 226 9.35 -10.51 -28.26
C LYS B 226 8.15 -9.97 -27.48
N ASN B 227 7.44 -9.02 -28.08
CA ASN B 227 6.30 -8.41 -27.41
C ASN B 227 5.15 -9.40 -27.26
N ASN B 228 4.84 -9.74 -26.02
CA ASN B 228 3.80 -10.72 -25.70
C ASN B 228 2.50 -10.07 -25.20
N CYS B 229 2.28 -8.82 -25.61
CA CYS B 229 1.05 -8.09 -25.29
C CYS B 229 -0.15 -8.84 -25.84
N ALA B 230 -1.17 -9.02 -24.99
CA ALA B 230 -2.36 -9.80 -25.36
C ALA B 230 -3.65 -9.01 -25.16
N PHE B 231 -4.58 -9.19 -26.10
CA PHE B 231 -5.89 -8.55 -26.05
C PHE B 231 -6.95 -9.59 -25.70
N TYR B 232 -7.42 -9.53 -24.46
CA TYR B 232 -8.45 -10.46 -23.99
C TYR B 232 -9.83 -9.81 -24.05
N GLY B 233 -10.59 -10.18 -25.06
CA GLY B 233 -11.94 -9.65 -25.25
C GLY B 233 -12.30 -9.50 -26.72
N SER B 234 -13.47 -8.94 -26.97
CA SER B 234 -13.96 -8.73 -28.33
C SER B 234 -14.55 -7.33 -28.51
N GLY B 235 -14.65 -6.91 -29.76
CA GLY B 235 -15.22 -5.60 -30.10
C GLY B 235 -14.31 -4.45 -29.76
N LYS B 236 -14.90 -3.25 -29.69
CA LYS B 236 -14.18 -2.03 -29.38
C LYS B 236 -14.73 -1.42 -28.09
N VAL B 237 -13.82 -0.93 -27.25
CA VAL B 237 -14.20 -0.27 -26.01
C VAL B 237 -13.59 1.13 -26.01
N GLU B 238 -14.44 2.14 -25.81
CA GLU B 238 -13.98 3.53 -25.74
C GLU B 238 -14.41 4.17 -24.43
N GLY B 239 -13.46 4.75 -23.72
CA GLY B 239 -13.74 5.41 -22.45
C GLY B 239 -12.55 6.19 -21.94
N ARG B 240 -12.81 7.08 -20.97
CA ARG B 240 -11.79 7.88 -20.32
C ARG B 240 -10.80 6.99 -19.58
N VAL B 241 -9.52 7.16 -19.86
CA VAL B 241 -8.48 6.40 -19.15
C VAL B 241 -8.12 7.09 -17.83
N ILE B 242 -8.04 6.29 -16.77
CA ILE B 242 -7.70 6.76 -15.43
C ILE B 242 -6.80 5.72 -14.77
N GLY B 243 -5.84 6.20 -13.99
CA GLY B 243 -5.03 5.32 -13.17
C GLY B 243 -3.56 5.68 -13.12
N GLY B 244 -2.71 4.68 -13.27
CA GLY B 244 -1.26 4.85 -13.17
C GLY B 244 -0.65 3.70 -12.40
N ASN B 245 0.35 4.00 -11.58
CA ASN B 245 0.98 2.99 -10.74
C ASN B 245 0.03 2.61 -9.60
N LEU B 246 -0.42 1.36 -9.60
CA LEU B 246 -1.46 0.93 -8.68
C LEU B 246 -1.02 0.98 -7.21
N ASN B 247 0.18 0.49 -6.93
CA ASN B 247 0.72 0.55 -5.57
C ASN B 247 0.75 1.99 -5.05
N THR B 248 1.14 2.92 -5.91
CA THR B 248 1.21 4.33 -5.55
C THR B 248 -0.18 4.92 -5.26
N LEU B 249 -1.20 4.46 -5.99
CA LEU B 249 -2.56 4.95 -5.77
C LEU B 249 -3.07 4.72 -4.34
N THR B 250 -2.54 3.71 -3.66
CA THR B 250 -2.91 3.45 -2.26
C THR B 250 -2.57 4.63 -1.34
N GLY B 251 -1.58 5.43 -1.73
CA GLY B 251 -1.16 6.57 -0.93
C GLY B 251 -2.05 7.80 -1.02
N ILE B 252 -2.95 7.80 -2.00
CA ILE B 252 -3.89 8.91 -2.20
C ILE B 252 -5.35 8.46 -2.13
N TRP B 253 -5.55 7.15 -2.07
CA TRP B 253 -6.88 6.54 -2.11
C TRP B 253 -7.79 7.09 -1.02
N GLY B 254 -9.05 7.31 -1.38
CA GLY B 254 -10.06 7.79 -0.44
C GLY B 254 -10.08 9.30 -0.26
N SER B 255 -9.01 9.98 -0.70
CA SER B 255 -8.85 11.42 -0.51
C SER B 255 -9.40 12.22 -1.69
N GLU B 256 -9.47 13.54 -1.51
CA GLU B 256 -9.91 14.45 -2.56
C GLU B 256 -8.95 14.50 -3.74
N TRP B 257 -7.75 13.95 -3.55
CA TRP B 257 -6.73 13.90 -4.59
C TRP B 257 -6.79 12.64 -5.46
N MET B 258 -7.61 11.67 -5.06
CA MET B 258 -7.86 10.51 -5.91
C MET B 258 -9.02 10.83 -6.85
N PRO B 259 -8.75 10.90 -8.17
CA PRO B 259 -9.85 11.19 -9.09
C PRO B 259 -10.91 10.09 -9.00
N GLU B 260 -12.17 10.49 -9.02
CA GLU B 260 -13.27 9.53 -8.98
C GLU B 260 -13.27 8.70 -10.26
N ILE B 261 -13.29 7.38 -10.09
CA ILE B 261 -13.48 6.46 -11.20
C ILE B 261 -14.97 6.40 -11.49
N ARG B 262 -15.32 6.57 -12.76
CA ARG B 262 -16.72 6.67 -13.17
C ARG B 262 -17.10 5.57 -14.13
N ASN B 263 -18.40 5.29 -14.18
CA ASN B 263 -18.97 4.36 -15.15
C ASN B 263 -18.41 4.63 -16.55
N GLY B 264 -17.84 3.59 -17.16
CA GLY B 264 -17.32 3.70 -18.52
C GLY B 264 -15.82 3.94 -18.65
N ASP B 265 -15.17 4.26 -17.54
CA ASP B 265 -13.72 4.49 -17.53
C ASP B 265 -12.95 3.25 -17.97
N ILE B 266 -11.83 3.47 -18.63
CA ILE B 266 -10.84 2.42 -18.84
C ILE B 266 -9.81 2.57 -17.74
N LEU B 267 -9.63 1.52 -16.94
CA LEU B 267 -8.65 1.55 -15.87
C LEU B 267 -7.27 1.15 -16.38
N PHE B 268 -6.32 2.06 -16.24
CA PHE B 268 -4.93 1.77 -16.56
C PHE B 268 -4.14 1.59 -15.28
N ILE B 269 -3.51 0.43 -15.13
CA ILE B 269 -2.71 0.13 -13.95
C ILE B 269 -1.44 -0.61 -14.32
N GLU B 270 -0.34 -0.23 -13.67
CA GLU B 270 0.91 -0.95 -13.78
C GLU B 270 1.61 -0.99 -12.44
N ASP B 271 2.43 -2.02 -12.22
CA ASP B 271 3.25 -2.13 -11.04
C ASP B 271 4.63 -2.68 -11.39
N SER B 272 5.56 -2.57 -10.45
CA SER B 272 6.96 -2.93 -10.68
C SER B 272 7.51 -3.74 -9.52
N ARG B 273 8.21 -4.83 -9.85
CA ARG B 273 8.99 -5.62 -8.89
C ARG B 273 8.17 -6.10 -7.68
N LYS B 274 6.89 -6.39 -7.88
CA LYS B 274 6.03 -6.83 -6.79
C LYS B 274 5.92 -8.35 -6.74
N SER B 275 5.67 -8.86 -5.54
CA SER B 275 5.28 -10.24 -5.36
C SER B 275 3.83 -10.41 -5.82
N ILE B 276 3.52 -11.63 -6.24
CA ILE B 276 2.14 -12.02 -6.56
C ILE B 276 1.19 -11.76 -5.38
N ALA B 277 1.71 -11.88 -4.16
CA ALA B 277 0.92 -11.59 -2.95
C ALA B 277 0.46 -10.13 -2.93
N THR B 278 1.37 -9.22 -3.22
CA THR B 278 1.04 -7.80 -3.30
C THR B 278 0.06 -7.50 -4.44
N VAL B 279 0.27 -8.14 -5.58
CA VAL B 279 -0.61 -7.97 -6.74
C VAL B 279 -2.04 -8.41 -6.43
N GLU B 280 -2.20 -9.56 -5.75
CA GLU B 280 -3.54 -9.98 -5.32
C GLU B 280 -4.17 -8.95 -4.38
N ARG B 281 -3.39 -8.46 -3.41
CA ARG B 281 -3.87 -7.47 -2.45
CA ARG B 281 -3.88 -7.47 -2.45
C ARG B 281 -4.41 -6.22 -3.16
N LEU B 282 -3.63 -5.73 -4.13
CA LEU B 282 -3.99 -4.51 -4.86
C LEU B 282 -5.22 -4.71 -5.75
N PHE B 283 -5.29 -5.85 -6.43
CA PHE B 283 -6.46 -6.17 -7.25
C PHE B 283 -7.72 -6.31 -6.39
N SER B 284 -7.59 -6.97 -5.24
CA SER B 284 -8.73 -7.10 -4.32
C SER B 284 -9.17 -5.76 -3.73
N MET B 285 -8.21 -4.87 -3.47
CA MET B 285 -8.54 -3.51 -3.04
C MET B 285 -9.48 -2.85 -4.05
N LEU B 286 -9.13 -2.94 -5.33
CA LEU B 286 -9.96 -2.40 -6.39
C LEU B 286 -11.35 -3.04 -6.39
N LYS B 287 -11.39 -4.36 -6.24
CA LYS B 287 -12.66 -5.09 -6.18
C LYS B 287 -13.54 -4.61 -5.03
N LEU B 288 -12.96 -4.48 -3.84
CA LEU B 288 -13.69 -4.04 -2.65
C LEU B 288 -14.27 -2.64 -2.86
N ASN B 289 -13.54 -1.82 -3.62
CA ASN B 289 -13.97 -0.46 -3.93
C ASN B 289 -14.97 -0.33 -5.07
N ARG B 290 -15.44 -1.47 -5.57
CA ARG B 290 -16.46 -1.54 -6.63
C ARG B 290 -15.98 -0.99 -7.97
N VAL B 291 -14.65 -0.92 -8.13
CA VAL B 291 -14.04 -0.41 -9.36
C VAL B 291 -14.41 -1.27 -10.57
N PHE B 292 -14.47 -2.57 -10.37
CA PHE B 292 -14.74 -3.49 -11.47
C PHE B 292 -16.21 -3.50 -11.89
N ASP B 293 -17.06 -2.82 -11.12
CA ASP B 293 -18.46 -2.61 -11.49
C ASP B 293 -18.61 -1.41 -12.43
N LYS B 294 -17.56 -0.59 -12.53
CA LYS B 294 -17.61 0.68 -13.26
C LYS B 294 -16.85 0.67 -14.58
N VAL B 295 -15.73 -0.06 -14.62
CA VAL B 295 -14.80 0.05 -15.73
C VAL B 295 -15.24 -0.75 -16.96
N SER B 296 -14.98 -0.18 -18.14
CA SER B 296 -15.35 -0.81 -19.40
C SER B 296 -14.25 -1.71 -19.93
N ALA B 297 -13.03 -1.48 -19.47
CA ALA B 297 -11.85 -2.28 -19.82
C ALA B 297 -10.74 -1.99 -18.83
N ILE B 298 -9.75 -2.88 -18.79
CA ILE B 298 -8.57 -2.70 -17.97
C ILE B 298 -7.33 -2.83 -18.85
N ILE B 299 -6.40 -1.89 -18.68
CA ILE B 299 -5.08 -1.99 -19.29
C ILE B 299 -4.08 -2.34 -18.20
N LEU B 300 -3.42 -3.48 -18.34
CA LEU B 300 -2.31 -3.85 -17.47
C LEU B 300 -1.00 -3.54 -18.16
N GLY B 301 -0.22 -2.64 -17.57
CA GLY B 301 1.13 -2.40 -18.06
C GLY B 301 2.00 -3.61 -17.77
N LYS B 302 3.01 -3.85 -18.60
CA LYS B 302 3.96 -4.94 -18.34
C LYS B 302 4.55 -4.75 -16.94
N HIS B 303 4.57 -5.82 -16.16
CA HIS B 303 5.05 -5.79 -14.78
C HIS B 303 6.53 -6.13 -14.73
N GLU B 304 7.37 -5.13 -14.46
CA GLU B 304 8.82 -5.32 -14.38
C GLU B 304 9.19 -6.34 -13.31
N LEU B 305 9.85 -7.42 -13.72
CA LEU B 305 10.40 -8.43 -12.81
C LEU B 305 9.39 -8.90 -11.76
N PHE B 306 8.20 -9.28 -12.23
CA PHE B 306 7.15 -9.82 -11.38
C PHE B 306 7.62 -11.11 -10.70
N ASP B 307 7.34 -11.20 -9.40
CA ASP B 307 7.72 -12.37 -8.60
C ASP B 307 6.49 -13.24 -8.36
N CYS B 308 6.41 -14.35 -9.09
CA CYS B 308 5.25 -15.24 -9.04
C CYS B 308 5.28 -16.22 -7.86
N ALA B 309 6.33 -16.14 -7.04
CA ALA B 309 6.52 -17.02 -5.87
C ALA B 309 6.53 -18.52 -6.24
N GLY B 310 6.96 -18.82 -7.45
CA GLY B 310 7.05 -20.21 -7.94
C GLY B 310 5.77 -20.75 -8.55
N SER B 311 4.70 -19.97 -8.50
CA SER B 311 3.39 -20.39 -9.00
C SER B 311 3.32 -20.41 -10.53
N LYS B 312 4.24 -19.67 -11.17
CA LYS B 312 4.27 -19.48 -12.63
C LYS B 312 3.03 -18.76 -13.16
N ARG B 313 2.27 -18.17 -12.26
CA ARG B 313 1.08 -17.39 -12.62
C ARG B 313 1.48 -15.96 -12.99
N ARG B 314 0.75 -15.39 -13.94
CA ARG B 314 0.95 -13.99 -14.31
C ARG B 314 -0.15 -13.13 -13.68
N PRO B 315 0.08 -11.80 -13.60
CA PRO B 315 -0.92 -10.91 -12.99
C PRO B 315 -2.33 -11.07 -13.56
N TYR B 316 -2.44 -11.31 -14.87
CA TYR B 316 -3.76 -11.51 -15.49
C TYR B 316 -4.56 -12.66 -14.88
N GLU B 317 -3.88 -13.76 -14.56
CA GLU B 317 -4.53 -14.91 -13.94
C GLU B 317 -5.06 -14.56 -12.55
N VAL B 318 -4.28 -13.77 -11.81
CA VAL B 318 -4.68 -13.31 -10.48
C VAL B 318 -5.90 -12.38 -10.59
N LEU B 319 -5.85 -11.45 -11.54
CA LEU B 319 -6.98 -10.56 -11.82
C LEU B 319 -8.23 -11.37 -12.14
N THR B 320 -8.09 -12.41 -12.97
CA THR B 320 -9.21 -13.27 -13.35
C THR B 320 -9.88 -13.91 -12.13
N GLU B 321 -9.08 -14.40 -11.18
CA GLU B 321 -9.64 -14.96 -9.95
C GLU B 321 -10.40 -13.90 -9.16
N VAL B 322 -9.77 -12.73 -8.98
CA VAL B 322 -10.35 -11.62 -8.23
C VAL B 322 -11.68 -11.15 -8.84
N LEU B 323 -11.72 -11.08 -10.17
CA LEU B 323 -12.92 -10.63 -10.90
C LEU B 323 -14.15 -11.52 -10.68
N ASP B 324 -13.92 -12.78 -10.31
CA ASP B 324 -14.99 -13.71 -9.94
C ASP B 324 -16.09 -13.76 -11.02
N GLY B 325 -15.66 -13.92 -12.26
CA GLY B 325 -16.59 -14.11 -13.37
C GLY B 325 -16.95 -12.88 -14.18
N LYS B 326 -16.61 -11.70 -13.68
CA LYS B 326 -16.92 -10.45 -14.37
C LYS B 326 -16.17 -10.34 -15.70
N GLN B 327 -16.93 -10.17 -16.78
CA GLN B 327 -16.37 -10.18 -18.13
C GLN B 327 -15.85 -8.81 -18.55
N ILE B 328 -14.71 -8.41 -17.97
CA ILE B 328 -14.08 -7.16 -18.33
C ILE B 328 -12.94 -7.46 -19.31
N PRO B 329 -12.99 -6.84 -20.52
CA PRO B 329 -11.91 -7.05 -21.46
C PRO B 329 -10.61 -6.42 -20.95
N VAL B 330 -9.50 -7.09 -21.20
CA VAL B 330 -8.20 -6.68 -20.66
C VAL B 330 -7.14 -6.62 -21.74
N LEU B 331 -6.47 -5.47 -21.83
CA LEU B 331 -5.25 -5.36 -22.61
C LEU B 331 -4.11 -5.67 -21.64
N ASP B 332 -3.53 -6.86 -21.78
CA ASP B 332 -2.47 -7.32 -20.88
C ASP B 332 -1.09 -7.14 -21.50
N GLY B 333 -0.30 -6.25 -20.91
CA GLY B 333 1.08 -6.05 -21.33
C GLY B 333 1.32 -4.82 -22.18
N PHE B 334 0.59 -3.74 -21.91
CA PHE B 334 0.80 -2.47 -22.58
C PHE B 334 2.17 -1.91 -22.18
N ASP B 335 2.89 -1.39 -23.16
CA ASP B 335 4.25 -0.89 -22.93
C ASP B 335 4.27 0.54 -22.38
N CYS B 336 3.58 0.72 -21.25
CA CYS B 336 3.57 1.99 -20.54
C CYS B 336 3.69 1.67 -19.06
N SER B 337 4.93 1.43 -18.63
CA SER B 337 5.22 0.91 -17.30
C SER B 337 6.70 1.07 -17.00
N HIS B 338 7.22 0.22 -16.11
CA HIS B 338 8.63 0.24 -15.72
C HIS B 338 9.52 -0.53 -16.69
N THR B 339 8.94 -1.26 -17.64
CA THR B 339 9.72 -1.97 -18.64
C THR B 339 10.19 -1.01 -19.74
N HIS B 340 11.23 -1.42 -20.46
CA HIS B 340 11.77 -0.62 -21.56
C HIS B 340 11.50 -1.32 -22.89
N PRO B 341 11.08 -0.56 -23.91
CA PRO B 341 10.85 0.88 -23.93
C PRO B 341 9.50 1.27 -23.32
N MET B 342 9.30 2.56 -23.11
CA MET B 342 8.09 3.07 -22.50
C MET B 342 7.37 4.04 -23.44
N LEU B 343 6.07 3.81 -23.61
CA LEU B 343 5.22 4.72 -24.38
C LEU B 343 4.69 5.84 -23.48
N THR B 344 4.29 6.95 -24.09
CA THR B 344 3.71 8.08 -23.38
C THR B 344 2.19 8.05 -23.52
N LEU B 345 1.48 8.16 -22.40
CA LEU B 345 0.03 8.04 -22.36
C LEU B 345 -0.62 9.22 -21.62
N PRO B 346 -1.50 9.97 -22.31
CA PRO B 346 -2.27 11.00 -21.61
C PRO B 346 -3.31 10.37 -20.69
N LEU B 347 -3.47 10.92 -19.50
CA LEU B 347 -4.43 10.42 -18.53
C LEU B 347 -5.61 11.37 -18.41
N GLY B 348 -6.81 10.80 -18.41
CA GLY B 348 -8.03 11.59 -18.25
C GLY B 348 -8.76 11.91 -19.54
N VAL B 349 -8.28 11.34 -20.64
CA VAL B 349 -8.95 11.48 -21.94
C VAL B 349 -9.40 10.12 -22.47
N LYS B 350 -10.29 10.13 -23.45
CA LYS B 350 -10.81 8.91 -24.05
C LYS B 350 -9.77 8.16 -24.88
N LEU B 351 -9.72 6.85 -24.66
CA LEU B 351 -8.99 5.92 -25.50
C LEU B 351 -9.99 4.95 -26.10
N ALA B 352 -9.62 4.38 -27.24
CA ALA B 352 -10.37 3.27 -27.84
C ALA B 352 -9.47 2.06 -27.96
N ILE B 353 -9.85 0.98 -27.31
CA ILE B 353 -9.15 -0.29 -27.47
C ILE B 353 -9.98 -1.15 -28.40
N ASP B 354 -9.40 -1.49 -29.54
CA ASP B 354 -10.04 -2.42 -30.48
C ASP B 354 -9.46 -3.81 -30.21
N PHE B 355 -10.23 -4.63 -29.52
CA PHE B 355 -9.79 -5.97 -29.13
C PHE B 355 -9.76 -6.94 -30.31
N ASP B 356 -10.58 -6.69 -31.32
CA ASP B 356 -10.61 -7.53 -32.52
C ASP B 356 -9.40 -7.27 -33.42
N ASN B 357 -9.05 -6.00 -33.58
CA ASN B 357 -7.92 -5.61 -34.42
C ASN B 357 -6.60 -5.45 -33.64
N LYS B 358 -6.68 -5.68 -32.33
CA LYS B 358 -5.50 -5.67 -31.44
C LYS B 358 -4.73 -4.35 -31.51
N ASN B 359 -5.45 -3.25 -31.30
CA ASN B 359 -4.80 -1.94 -31.21
C ASN B 359 -5.44 -1.03 -30.16
N ILE B 360 -4.73 0.05 -29.86
CA ILE B 360 -5.19 1.01 -28.86
C ILE B 360 -4.91 2.43 -29.37
N SER B 361 -5.90 3.30 -29.23
CA SER B 361 -5.85 4.65 -29.78
C SER B 361 -6.29 5.71 -28.79
N ILE B 362 -5.72 6.91 -28.92
CA ILE B 362 -6.23 8.09 -28.22
C ILE B 362 -7.26 8.75 -29.13
N THR B 363 -8.46 8.98 -28.62
CA THR B 363 -9.56 9.49 -29.45
C THR B 363 -10.04 10.88 -29.05
N GLU B 364 -9.47 11.43 -27.98
CA GLU B 364 -9.86 12.75 -27.48
C GLU B 364 -8.64 13.68 -27.44
N GLN B 365 -8.85 14.93 -27.85
CA GLN B 365 -7.81 15.96 -27.80
C GLN B 365 -7.21 16.05 -26.40
N TYR B 366 -5.88 16.07 -26.33
CA TYR B 366 -5.17 16.02 -25.04
C TYR B 366 -4.13 17.14 -24.89
N LEU B 367 -3.94 17.91 -25.95
CA LEU B 367 -3.10 19.12 -25.89
C LEU B 367 -3.80 20.23 -26.68
N SER B 368 -3.48 21.48 -26.33
CA SER B 368 -4.12 22.65 -26.94
C SER B 368 -3.79 22.76 -28.43
#